data_2CRO
# 
_entry.id   2CRO 
# 
_audit_conform.dict_name       mmcif_pdbx.dic 
_audit_conform.dict_version    5.387 
_audit_conform.dict_location   http://mmcif.pdb.org/dictionaries/ascii/mmcif_pdbx.dic 
# 
loop_
_database_2.database_id 
_database_2.database_code 
_database_2.pdbx_database_accession 
_database_2.pdbx_DOI 
PDB   2CRO         pdb_00002cro 10.2210/pdb2cro/pdb 
WWPDB D_1000177947 ?            ?                   
# 
loop_
_pdbx_audit_revision_history.ordinal 
_pdbx_audit_revision_history.data_content_type 
_pdbx_audit_revision_history.major_revision 
_pdbx_audit_revision_history.minor_revision 
_pdbx_audit_revision_history.revision_date 
1 'Structure model' 1 0 1989-10-15 
2 'Structure model' 1 1 2008-03-24 
3 'Structure model' 1 2 2011-07-13 
4 'Structure model' 1 3 2024-02-14 
# 
_pdbx_audit_revision_details.ordinal             1 
_pdbx_audit_revision_details.revision_ordinal    1 
_pdbx_audit_revision_details.data_content_type   'Structure model' 
_pdbx_audit_revision_details.provider            repository 
_pdbx_audit_revision_details.type                'Initial release' 
_pdbx_audit_revision_details.description         ? 
_pdbx_audit_revision_details.details             ? 
# 
loop_
_pdbx_audit_revision_group.ordinal 
_pdbx_audit_revision_group.revision_ordinal 
_pdbx_audit_revision_group.data_content_type 
_pdbx_audit_revision_group.group 
1 2 'Structure model' 'Version format compliance' 
2 3 'Structure model' 'Version format compliance' 
3 4 'Structure model' 'Data collection'           
4 4 'Structure model' 'Database references'       
5 4 'Structure model' Other                       
# 
loop_
_pdbx_audit_revision_category.ordinal 
_pdbx_audit_revision_category.revision_ordinal 
_pdbx_audit_revision_category.data_content_type 
_pdbx_audit_revision_category.category 
1 4 'Structure model' chem_comp_atom       
2 4 'Structure model' chem_comp_bond       
3 4 'Structure model' database_2           
4 4 'Structure model' pdbx_database_status 
# 
loop_
_pdbx_audit_revision_item.ordinal 
_pdbx_audit_revision_item.revision_ordinal 
_pdbx_audit_revision_item.data_content_type 
_pdbx_audit_revision_item.item 
1 4 'Structure model' '_database_2.pdbx_DOI'                
2 4 'Structure model' '_database_2.pdbx_database_accession' 
3 4 'Structure model' '_pdbx_database_status.process_site'  
# 
_pdbx_database_status.status_code                     REL 
_pdbx_database_status.entry_id                        2CRO 
_pdbx_database_status.recvd_initial_deposition_date   1988-12-08 
_pdbx_database_status.deposit_site                    ? 
_pdbx_database_status.process_site                    BNL 
_pdbx_database_status.SG_entry                        . 
_pdbx_database_status.pdb_format_compatible           Y 
_pdbx_database_status.status_code_mr                  ? 
_pdbx_database_status.status_code_sf                  ? 
_pdbx_database_status.status_code_cs                  ? 
_pdbx_database_status.status_code_nmr_data            ? 
_pdbx_database_status.methods_development_category    ? 
# 
loop_
_audit_author.name 
_audit_author.pdbx_ordinal 
'Mondragon, A.'  1 
'Wolberger, C.'  2 
'Harrison, S.C.' 3 
# 
_citation.id                        primary 
_citation.title                     'Structure of phage 434 Cro protein at 2.35 A resolution.' 
_citation.journal_abbrev            J.Mol.Biol. 
_citation.journal_volume            205 
_citation.page_first                179 
_citation.page_last                 188 
_citation.year                      1989 
_citation.journal_id_ASTM           JMOBAK 
_citation.country                   UK 
_citation.journal_id_ISSN           0022-2836 
_citation.journal_id_CSD            0070 
_citation.book_publisher            ? 
_citation.pdbx_database_id_PubMed   2647998 
_citation.pdbx_database_id_DOI      '10.1016/0022-2836(89)90374-4' 
# 
loop_
_citation_author.citation_id 
_citation_author.name 
_citation_author.ordinal 
_citation_author.identifier_ORCID 
primary 'Mondragon, A.'  1 ? 
primary 'Wolberger, C.'  2 ? 
primary 'Harrison, S.C.' 3 ? 
# 
loop_
_entity.id 
_entity.type 
_entity.src_method 
_entity.pdbx_description 
_entity.formula_weight 
_entity.pdbx_number_of_molecules 
_entity.pdbx_ec 
_entity.pdbx_mutation 
_entity.pdbx_fragment 
_entity.details 
1 polymer man 'REGULATORY PROTEIN CRO' 8076.619 1  ? ? ? ? 
2 water   nat water                    18.015   17 ? ? ? ? 
# 
_entity_poly.entity_id                      1 
_entity_poly.type                           'polypeptide(L)' 
_entity_poly.nstd_linkage                   no 
_entity_poly.nstd_monomer                   no 
_entity_poly.pdbx_seq_one_letter_code       MQTLSERLKKRRIALKMTQTELATKAGVKQQSIQLIEAGVTKRPRFLFEIAMALNCDPVWLQYGTKRGKAA 
_entity_poly.pdbx_seq_one_letter_code_can   MQTLSERLKKRRIALKMTQTELATKAGVKQQSIQLIEAGVTKRPRFLFEIAMALNCDPVWLQYGTKRGKAA 
_entity_poly.pdbx_strand_id                 A 
_entity_poly.pdbx_target_identifier         ? 
# 
_pdbx_entity_nonpoly.entity_id   2 
_pdbx_entity_nonpoly.name        water 
_pdbx_entity_nonpoly.comp_id     HOH 
# 
loop_
_entity_poly_seq.entity_id 
_entity_poly_seq.num 
_entity_poly_seq.mon_id 
_entity_poly_seq.hetero 
1 1  MET n 
1 2  GLN n 
1 3  THR n 
1 4  LEU n 
1 5  SER n 
1 6  GLU n 
1 7  ARG n 
1 8  LEU n 
1 9  LYS n 
1 10 LYS n 
1 11 ARG n 
1 12 ARG n 
1 13 ILE n 
1 14 ALA n 
1 15 LEU n 
1 16 LYS n 
1 17 MET n 
1 18 THR n 
1 19 GLN n 
1 20 THR n 
1 21 GLU n 
1 22 LEU n 
1 23 ALA n 
1 24 THR n 
1 25 LYS n 
1 26 ALA n 
1 27 GLY n 
1 28 VAL n 
1 29 LYS n 
1 30 GLN n 
1 31 GLN n 
1 32 SER n 
1 33 ILE n 
1 34 GLN n 
1 35 LEU n 
1 36 ILE n 
1 37 GLU n 
1 38 ALA n 
1 39 GLY n 
1 40 VAL n 
1 41 THR n 
1 42 LYS n 
1 43 ARG n 
1 44 PRO n 
1 45 ARG n 
1 46 PHE n 
1 47 LEU n 
1 48 PHE n 
1 49 GLU n 
1 50 ILE n 
1 51 ALA n 
1 52 MET n 
1 53 ALA n 
1 54 LEU n 
1 55 ASN n 
1 56 CYS n 
1 57 ASP n 
1 58 PRO n 
1 59 VAL n 
1 60 TRP n 
1 61 LEU n 
1 62 GLN n 
1 63 TYR n 
1 64 GLY n 
1 65 THR n 
1 66 LYS n 
1 67 ARG n 
1 68 GLY n 
1 69 LYS n 
1 70 ALA n 
1 71 ALA n 
# 
_entity_src_gen.entity_id                          1 
_entity_src_gen.pdbx_src_id                        1 
_entity_src_gen.pdbx_alt_source_flag               sample 
_entity_src_gen.pdbx_seq_type                      ? 
_entity_src_gen.pdbx_beg_seq_num                   ? 
_entity_src_gen.pdbx_end_seq_num                   ? 
_entity_src_gen.gene_src_common_name               ? 
_entity_src_gen.gene_src_genus                     'Lambda-like viruses' 
_entity_src_gen.pdbx_gene_src_gene                 ? 
_entity_src_gen.gene_src_species                   'Enterobacteria phage lambda' 
_entity_src_gen.gene_src_strain                    ? 
_entity_src_gen.gene_src_tissue                    ? 
_entity_src_gen.gene_src_tissue_fraction           ? 
_entity_src_gen.gene_src_details                   ? 
_entity_src_gen.pdbx_gene_src_fragment             ? 
_entity_src_gen.pdbx_gene_src_scientific_name      'Phage 434' 
_entity_src_gen.pdbx_gene_src_ncbi_taxonomy_id     10712 
_entity_src_gen.pdbx_gene_src_variant              ? 
_entity_src_gen.pdbx_gene_src_cell_line            ? 
_entity_src_gen.pdbx_gene_src_atcc                 ? 
_entity_src_gen.pdbx_gene_src_organ                ? 
_entity_src_gen.pdbx_gene_src_organelle            ? 
_entity_src_gen.pdbx_gene_src_cell                 ? 
_entity_src_gen.pdbx_gene_src_cellular_location    ? 
_entity_src_gen.host_org_common_name               ? 
_entity_src_gen.pdbx_host_org_scientific_name      ? 
_entity_src_gen.pdbx_host_org_ncbi_taxonomy_id     ? 
_entity_src_gen.host_org_genus                     ? 
_entity_src_gen.pdbx_host_org_gene                 ? 
_entity_src_gen.pdbx_host_org_organ                ? 
_entity_src_gen.host_org_species                   ? 
_entity_src_gen.pdbx_host_org_tissue               ? 
_entity_src_gen.pdbx_host_org_tissue_fraction      ? 
_entity_src_gen.pdbx_host_org_strain               ? 
_entity_src_gen.pdbx_host_org_variant              ? 
_entity_src_gen.pdbx_host_org_cell_line            ? 
_entity_src_gen.pdbx_host_org_atcc                 ? 
_entity_src_gen.pdbx_host_org_culture_collection   ? 
_entity_src_gen.pdbx_host_org_cell                 ? 
_entity_src_gen.pdbx_host_org_organelle            ? 
_entity_src_gen.pdbx_host_org_cellular_location    ? 
_entity_src_gen.pdbx_host_org_vector_type          ? 
_entity_src_gen.pdbx_host_org_vector               ? 
_entity_src_gen.host_org_details                   ? 
_entity_src_gen.expression_system_id               ? 
_entity_src_gen.plasmid_name                       ? 
_entity_src_gen.plasmid_details                    ? 
_entity_src_gen.pdbx_description                   ? 
# 
loop_
_chem_comp.id 
_chem_comp.type 
_chem_comp.mon_nstd_flag 
_chem_comp.name 
_chem_comp.pdbx_synonyms 
_chem_comp.formula 
_chem_comp.formula_weight 
ALA 'L-peptide linking' y ALANINE         ? 'C3 H7 N O2'     89.093  
ARG 'L-peptide linking' y ARGININE        ? 'C6 H15 N4 O2 1' 175.209 
ASN 'L-peptide linking' y ASPARAGINE      ? 'C4 H8 N2 O3'    132.118 
ASP 'L-peptide linking' y 'ASPARTIC ACID' ? 'C4 H7 N O4'     133.103 
CYS 'L-peptide linking' y CYSTEINE        ? 'C3 H7 N O2 S'   121.158 
GLN 'L-peptide linking' y GLUTAMINE       ? 'C5 H10 N2 O3'   146.144 
GLU 'L-peptide linking' y 'GLUTAMIC ACID' ? 'C5 H9 N O4'     147.129 
GLY 'peptide linking'   y GLYCINE         ? 'C2 H5 N O2'     75.067  
HOH non-polymer         . WATER           ? 'H2 O'           18.015  
ILE 'L-peptide linking' y ISOLEUCINE      ? 'C6 H13 N O2'    131.173 
LEU 'L-peptide linking' y LEUCINE         ? 'C6 H13 N O2'    131.173 
LYS 'L-peptide linking' y LYSINE          ? 'C6 H15 N2 O2 1' 147.195 
MET 'L-peptide linking' y METHIONINE      ? 'C5 H11 N O2 S'  149.211 
PHE 'L-peptide linking' y PHENYLALANINE   ? 'C9 H11 N O2'    165.189 
PRO 'L-peptide linking' y PROLINE         ? 'C5 H9 N O2'     115.130 
SER 'L-peptide linking' y SERINE          ? 'C3 H7 N O3'     105.093 
THR 'L-peptide linking' y THREONINE       ? 'C4 H9 N O3'     119.119 
TRP 'L-peptide linking' y TRYPTOPHAN      ? 'C11 H12 N2 O2'  204.225 
TYR 'L-peptide linking' y TYROSINE        ? 'C9 H11 N O3'    181.189 
VAL 'L-peptide linking' y VALINE          ? 'C5 H11 N O2'    117.146 
# 
loop_
_pdbx_poly_seq_scheme.asym_id 
_pdbx_poly_seq_scheme.entity_id 
_pdbx_poly_seq_scheme.seq_id 
_pdbx_poly_seq_scheme.mon_id 
_pdbx_poly_seq_scheme.ndb_seq_num 
_pdbx_poly_seq_scheme.pdb_seq_num 
_pdbx_poly_seq_scheme.auth_seq_num 
_pdbx_poly_seq_scheme.pdb_mon_id 
_pdbx_poly_seq_scheme.auth_mon_id 
_pdbx_poly_seq_scheme.pdb_strand_id 
_pdbx_poly_seq_scheme.pdb_ins_code 
_pdbx_poly_seq_scheme.hetero 
A 1 1  MET 1  -1 -1 MET MET A . n 
A 1 2  GLN 2  0  0  GLN GLN A . n 
A 1 3  THR 3  1  1  THR THR A . n 
A 1 4  LEU 4  2  2  LEU LEU A . n 
A 1 5  SER 5  3  3  SER SER A . n 
A 1 6  GLU 6  4  4  GLU GLU A . n 
A 1 7  ARG 7  5  5  ARG ARG A . n 
A 1 8  LEU 8  6  6  LEU LEU A . n 
A 1 9  LYS 9  7  7  LYS LYS A . n 
A 1 10 LYS 10 8  8  LYS LYS A . n 
A 1 11 ARG 11 9  9  ARG ARG A . n 
A 1 12 ARG 12 10 10 ARG ARG A . n 
A 1 13 ILE 13 11 11 ILE ILE A . n 
A 1 14 ALA 14 12 12 ALA ALA A . n 
A 1 15 LEU 15 13 13 LEU LEU A . n 
A 1 16 LYS 16 14 14 LYS LYS A . n 
A 1 17 MET 17 15 15 MET MET A . n 
A 1 18 THR 18 16 16 THR THR A . n 
A 1 19 GLN 19 17 17 GLN GLN A . n 
A 1 20 THR 20 18 18 THR THR A . n 
A 1 21 GLU 21 19 19 GLU GLU A . n 
A 1 22 LEU 22 20 20 LEU LEU A . n 
A 1 23 ALA 23 21 21 ALA ALA A . n 
A 1 24 THR 24 22 22 THR THR A . n 
A 1 25 LYS 25 23 23 LYS LYS A . n 
A 1 26 ALA 26 24 24 ALA ALA A . n 
A 1 27 GLY 27 25 25 GLY GLY A . n 
A 1 28 VAL 28 26 26 VAL VAL A . n 
A 1 29 LYS 29 27 27 LYS LYS A . n 
A 1 30 GLN 30 28 28 GLN GLN A . n 
A 1 31 GLN 31 29 29 GLN GLN A . n 
A 1 32 SER 32 30 30 SER SER A . n 
A 1 33 ILE 33 31 31 ILE ILE A . n 
A 1 34 GLN 34 32 32 GLN GLN A . n 
A 1 35 LEU 35 33 33 LEU LEU A . n 
A 1 36 ILE 36 34 34 ILE ILE A . n 
A 1 37 GLU 37 35 35 GLU GLU A . n 
A 1 38 ALA 38 36 36 ALA ALA A . n 
A 1 39 GLY 39 37 37 GLY GLY A . n 
A 1 40 VAL 40 38 38 VAL VAL A . n 
A 1 41 THR 41 39 39 THR THR A . n 
A 1 42 LYS 42 40 40 LYS LYS A . n 
A 1 43 ARG 43 41 41 ARG ARG A . n 
A 1 44 PRO 44 42 42 PRO PRO A . n 
A 1 45 ARG 45 43 43 ARG ARG A . n 
A 1 46 PHE 46 44 44 PHE PHE A . n 
A 1 47 LEU 47 45 45 LEU LEU A . n 
A 1 48 PHE 48 46 46 PHE PHE A . n 
A 1 49 GLU 49 47 47 GLU GLU A . n 
A 1 50 ILE 50 48 48 ILE ILE A . n 
A 1 51 ALA 51 49 49 ALA ALA A . n 
A 1 52 MET 52 50 50 MET MET A . n 
A 1 53 ALA 53 51 51 ALA ALA A . n 
A 1 54 LEU 54 52 52 LEU LEU A . n 
A 1 55 ASN 55 53 53 ASN ASN A . n 
A 1 56 CYS 56 54 54 CYS CYS A . n 
A 1 57 ASP 57 55 55 ASP ASP A . n 
A 1 58 PRO 58 56 56 PRO PRO A . n 
A 1 59 VAL 59 57 57 VAL VAL A . n 
A 1 60 TRP 60 58 58 TRP TRP A . n 
A 1 61 LEU 61 59 59 LEU LEU A . n 
A 1 62 GLN 62 60 60 GLN GLN A . n 
A 1 63 TYR 63 61 61 TYR TYR A . n 
A 1 64 GLY 64 62 62 GLY GLY A . n 
A 1 65 THR 65 63 63 THR THR A . n 
A 1 66 LYS 66 64 ?  ?   ?   A . n 
A 1 67 ARG 67 65 ?  ?   ?   A . n 
A 1 68 GLY 68 66 ?  ?   ?   A . n 
A 1 69 LYS 69 67 ?  ?   ?   A . n 
A 1 70 ALA 70 68 ?  ?   ?   A . n 
A 1 71 ALA 71 69 ?  ?   ?   A . n 
# 
loop_
_pdbx_nonpoly_scheme.asym_id 
_pdbx_nonpoly_scheme.entity_id 
_pdbx_nonpoly_scheme.mon_id 
_pdbx_nonpoly_scheme.ndb_seq_num 
_pdbx_nonpoly_scheme.pdb_seq_num 
_pdbx_nonpoly_scheme.auth_seq_num 
_pdbx_nonpoly_scheme.pdb_mon_id 
_pdbx_nonpoly_scheme.auth_mon_id 
_pdbx_nonpoly_scheme.pdb_strand_id 
_pdbx_nonpoly_scheme.pdb_ins_code 
B 2 HOH 1  100 100 HOH HOH A . 
B 2 HOH 2  101 101 HOH HOH A . 
B 2 HOH 3  102 102 HOH HOH A . 
B 2 HOH 4  103 103 HOH HOH A . 
B 2 HOH 5  104 104 HOH HOH A . 
B 2 HOH 6  105 105 HOH HOH A . 
B 2 HOH 7  106 106 HOH HOH A . 
B 2 HOH 8  107 107 HOH HOH A . 
B 2 HOH 9  108 108 HOH HOH A . 
B 2 HOH 10 109 109 HOH HOH A . 
B 2 HOH 11 110 110 HOH HOH A . 
B 2 HOH 12 113 113 HOH HOH A . 
B 2 HOH 13 115 115 HOH HOH A . 
B 2 HOH 14 117 117 HOH HOH A . 
B 2 HOH 15 118 118 HOH HOH A . 
B 2 HOH 16 119 119 HOH HOH A . 
B 2 HOH 17 120 120 HOH HOH A . 
# 
_software.name             PROLSQ 
_software.classification   refinement 
_software.version          . 
_software.citation_id      ? 
_software.pdbx_ordinal     1 
# 
_cell.entry_id           2CRO 
_cell.length_a           49.820 
_cell.length_b           49.820 
_cell.length_c           154.200 
_cell.angle_alpha        90.00 
_cell.angle_beta         90.00 
_cell.angle_gamma        120.00 
_cell.Z_PDB              18 
_cell.pdbx_unique_axis   ? 
# 
_symmetry.entry_id                         2CRO 
_symmetry.space_group_name_H-M             'H 3 2' 
_symmetry.pdbx_full_space_group_name_H-M   ? 
_symmetry.cell_setting                     ? 
_symmetry.Int_Tables_number                155 
# 
_exptl.entry_id          2CRO 
_exptl.method            'X-RAY DIFFRACTION' 
_exptl.crystals_number   ? 
# 
_exptl_crystal.id                    1 
_exptl_crystal.density_meas          ? 
_exptl_crystal.density_Matthews      2.28 
_exptl_crystal.density_percent_sol   46.04 
_exptl_crystal.description           ? 
# 
_refine.entry_id                                 2CRO 
_refine.ls_number_reflns_obs                     ? 
_refine.ls_number_reflns_all                     ? 
_refine.pdbx_ls_sigma_I                          ? 
_refine.pdbx_ls_sigma_F                          ? 
_refine.pdbx_data_cutoff_high_absF               ? 
_refine.pdbx_data_cutoff_low_absF                ? 
_refine.pdbx_data_cutoff_high_rms_absF           ? 
_refine.ls_d_res_low                             ? 
_refine.ls_d_res_high                            2.35 
_refine.ls_percent_reflns_obs                    ? 
_refine.ls_R_factor_obs                          0.1950000 
_refine.ls_R_factor_all                          ? 
_refine.ls_R_factor_R_work                       ? 
_refine.ls_R_factor_R_free                       ? 
_refine.ls_R_factor_R_free_error                 ? 
_refine.ls_R_factor_R_free_error_details         ? 
_refine.ls_percent_reflns_R_free                 ? 
_refine.ls_number_reflns_R_free                  ? 
_refine.ls_number_parameters                     ? 
_refine.ls_number_restraints                     ? 
_refine.occupancy_min                            ? 
_refine.occupancy_max                            ? 
_refine.B_iso_mean                               ? 
_refine.aniso_B[1][1]                            ? 
_refine.aniso_B[2][2]                            ? 
_refine.aniso_B[3][3]                            ? 
_refine.aniso_B[1][2]                            ? 
_refine.aniso_B[1][3]                            ? 
_refine.aniso_B[2][3]                            ? 
_refine.solvent_model_details                    ? 
_refine.solvent_model_param_ksol                 ? 
_refine.solvent_model_param_bsol                 ? 
_refine.pdbx_ls_cross_valid_method               ? 
_refine.details                                  
;DENSITY FOR THE LAST SIX CARBOXY TERMINAL RESIDUES (64 -
70) WAS NEVER SEEN IN THE MAP AT ANY STAGE OF REFINEMENT,
AND THESE RESIDUES ARE PROBABLY DISORDERED.
;
_refine.pdbx_starting_model                      ? 
_refine.pdbx_method_to_determine_struct          ? 
_refine.pdbx_isotropic_thermal_model             ? 
_refine.pdbx_stereochemistry_target_values       ? 
_refine.pdbx_stereochem_target_val_spec_case     ? 
_refine.pdbx_R_Free_selection_details            ? 
_refine.pdbx_overall_ESU_R                       ? 
_refine.pdbx_overall_ESU_R_Free                  ? 
_refine.overall_SU_ML                            ? 
_refine.overall_SU_B                             ? 
_refine.pdbx_refine_id                           'X-RAY DIFFRACTION' 
_refine.pdbx_diffrn_id                           1 
_refine.pdbx_TLS_residual_ADP_flag               ? 
_refine.correlation_coeff_Fo_to_Fc               ? 
_refine.correlation_coeff_Fo_to_Fc_free          ? 
_refine.pdbx_solvent_vdw_probe_radii             ? 
_refine.pdbx_solvent_ion_probe_radii             ? 
_refine.pdbx_solvent_shrinkage_radii             ? 
_refine.pdbx_overall_phase_error                 ? 
_refine.overall_SU_R_Cruickshank_DPI             ? 
_refine.pdbx_overall_SU_R_free_Cruickshank_DPI   ? 
_refine.pdbx_overall_SU_R_Blow_DPI               ? 
_refine.pdbx_overall_SU_R_free_Blow_DPI          ? 
# 
_refine_hist.pdbx_refine_id                   'X-RAY DIFFRACTION' 
_refine_hist.cycle_id                         LAST 
_refine_hist.pdbx_number_atoms_protein        520 
_refine_hist.pdbx_number_atoms_nucleic_acid   0 
_refine_hist.pdbx_number_atoms_ligand         0 
_refine_hist.number_atoms_solvent             17 
_refine_hist.number_atoms_total               537 
_refine_hist.d_res_high                       2.35 
_refine_hist.d_res_low                        . 
# 
loop_
_refine_ls_restr.type 
_refine_ls_restr.dev_ideal 
_refine_ls_restr.dev_ideal_target 
_refine_ls_restr.weight 
_refine_ls_restr.number 
_refine_ls_restr.pdbx_refine_id 
_refine_ls_restr.pdbx_restraint_function 
p_bond_d            0.006 0.020 ? ? 'X-RAY DIFFRACTION' ? 
p_angle_d           0.026 0.040 ? ? 'X-RAY DIFFRACTION' ? 
p_angle_deg         ?     ?     ? ? 'X-RAY DIFFRACTION' ? 
p_planar_d          0.025 0.050 ? ? 'X-RAY DIFFRACTION' ? 
p_hb_or_metal_coord ?     ?     ? ? 'X-RAY DIFFRACTION' ? 
p_mcbond_it         1.150 2.500 ? ? 'X-RAY DIFFRACTION' ? 
p_mcangle_it        2.010 5.000 ? ? 'X-RAY DIFFRACTION' ? 
p_scbond_it         1.260 2.500 ? ? 'X-RAY DIFFRACTION' ? 
p_scangle_it        8.170 5.000 ? ? 'X-RAY DIFFRACTION' ? 
p_plane_restr       0.005 0.020 ? ? 'X-RAY DIFFRACTION' ? 
p_chiral_restr      0.076 0.150 ? ? 'X-RAY DIFFRACTION' ? 
p_singtor_nbd       0.203 0.500 ? ? 'X-RAY DIFFRACTION' ? 
p_multtor_nbd       0.313 0.500 ? ? 'X-RAY DIFFRACTION' ? 
p_xhyhbond_nbd      0.258 0.500 ? ? 'X-RAY DIFFRACTION' ? 
p_xyhbond_nbd       ?     ?     ? ? 'X-RAY DIFFRACTION' ? 
p_planar_tor        0.9   3.0   ? ? 'X-RAY DIFFRACTION' ? 
p_staggered_tor     18.8  15.0  ? ? 'X-RAY DIFFRACTION' ? 
p_orthonormal_tor   ?     ?     ? ? 'X-RAY DIFFRACTION' ? 
p_transverse_tor    ?     ?     ? ? 'X-RAY DIFFRACTION' ? 
p_special_tor       ?     ?     ? ? 'X-RAY DIFFRACTION' ? 
# 
_struct.entry_id                  2CRO 
_struct.title                     'STRUCTURE OF PHAGE 434 CRO PROTEIN AT 2.35 ANGSTROMS RESOLUTION' 
_struct.pdbx_model_details        ? 
_struct.pdbx_CASP_flag            ? 
_struct.pdbx_model_type_details   ? 
# 
_struct_keywords.entry_id        2CRO 
_struct_keywords.pdbx_keywords   'GENE REGULATING PROTEIN' 
_struct_keywords.text            'GENE REGULATING PROTEIN' 
# 
loop_
_struct_asym.id 
_struct_asym.pdbx_blank_PDB_chainid_flag 
_struct_asym.pdbx_modified 
_struct_asym.entity_id 
_struct_asym.details 
A N N 1 ? 
B N N 2 ? 
# 
_struct_ref.id                         1 
_struct_ref.db_name                    UNP 
_struct_ref.db_code                    RCRO_BP434 
_struct_ref.entity_id                  1 
_struct_ref.pdbx_db_accession          P03036 
_struct_ref.pdbx_align_begin           1 
_struct_ref.pdbx_seq_one_letter_code   MQTLSERLKKRRIALKMTQTELATKAGVKQQSIQLIEAGVTKRPRFLFEIAMALNCDPVWLQYGTKRGKAA 
_struct_ref.pdbx_db_isoform            ? 
# 
_struct_ref_seq.align_id                      1 
_struct_ref_seq.ref_id                        1 
_struct_ref_seq.pdbx_PDB_id_code              2CRO 
_struct_ref_seq.pdbx_strand_id                A 
_struct_ref_seq.seq_align_beg                 1 
_struct_ref_seq.pdbx_seq_align_beg_ins_code   ? 
_struct_ref_seq.seq_align_end                 71 
_struct_ref_seq.pdbx_seq_align_end_ins_code   ? 
_struct_ref_seq.pdbx_db_accession             P03036 
_struct_ref_seq.db_align_beg                  1 
_struct_ref_seq.pdbx_db_align_beg_ins_code    ? 
_struct_ref_seq.db_align_end                  71 
_struct_ref_seq.pdbx_db_align_end_ins_code    ? 
_struct_ref_seq.pdbx_auth_seq_align_beg       -1 
_struct_ref_seq.pdbx_auth_seq_align_end       69 
# 
_pdbx_struct_assembly.id                   1 
_pdbx_struct_assembly.details              author_defined_assembly 
_pdbx_struct_assembly.method_details       ? 
_pdbx_struct_assembly.oligomeric_details   trimeric 
_pdbx_struct_assembly.oligomeric_count     3 
# 
_pdbx_struct_assembly_gen.assembly_id       1 
_pdbx_struct_assembly_gen.oper_expression   1,2,3 
_pdbx_struct_assembly_gen.asym_id_list      A,B 
# 
loop_
_pdbx_struct_oper_list.id 
_pdbx_struct_oper_list.type 
_pdbx_struct_oper_list.name 
_pdbx_struct_oper_list.symmetry_operation 
_pdbx_struct_oper_list.matrix[1][1] 
_pdbx_struct_oper_list.matrix[1][2] 
_pdbx_struct_oper_list.matrix[1][3] 
_pdbx_struct_oper_list.vector[1] 
_pdbx_struct_oper_list.matrix[2][1] 
_pdbx_struct_oper_list.matrix[2][2] 
_pdbx_struct_oper_list.matrix[2][3] 
_pdbx_struct_oper_list.vector[2] 
_pdbx_struct_oper_list.matrix[3][1] 
_pdbx_struct_oper_list.matrix[3][2] 
_pdbx_struct_oper_list.matrix[3][3] 
_pdbx_struct_oper_list.vector[3] 
1 'identity operation'         1_555 x,y,z     1.0000000000  0.0000000000  0.0000000000  0.0000000000   0.0000000000  1.0000000000 0.0000000000 0.0000000000  0.0000000000  0.0000000000 1.0000000000  0.0000000000   
2 'crystal symmetry operation' 2_555 -y,x-y,z  -0.4915753831 -0.2006282816 0.8474089541  -0.6070156589  -0.0223703858 0.9756874444 0.2180219638 2.3408136690  -0.8705476487 0.0882173652 -0.4841120613 -23.0015602099 
3 'crystal symmetry operation' 3_555 -x+y,-x,z -0.4915753831 -0.0223703858 -0.8705476487 -20.2699832066 -0.2006282816 0.9756874444 0.0882173652 -0.3765499784 0.8474089541  0.2180219638 -0.4841120613 -11.1312910145 
# 
_struct_biol.id   1 
# 
loop_
_struct_conf.conf_type_id 
_struct_conf.id 
_struct_conf.pdbx_PDB_helix_id 
_struct_conf.beg_label_comp_id 
_struct_conf.beg_label_asym_id 
_struct_conf.beg_label_seq_id 
_struct_conf.pdbx_beg_PDB_ins_code 
_struct_conf.end_label_comp_id 
_struct_conf.end_label_asym_id 
_struct_conf.end_label_seq_id 
_struct_conf.pdbx_end_PDB_ins_code 
_struct_conf.beg_auth_comp_id 
_struct_conf.beg_auth_asym_id 
_struct_conf.beg_auth_seq_id 
_struct_conf.end_auth_comp_id 
_struct_conf.end_auth_asym_id 
_struct_conf.end_auth_seq_id 
_struct_conf.pdbx_PDB_helix_class 
_struct_conf.details 
_struct_conf.pdbx_PDB_helix_length 
HELX_P HELX_P1 H1 THR A 3  ? ALA A 14 ? THR A 1  ALA A 12 1 ? 12 
HELX_P HELX_P2 H2 THR A 18 ? THR A 24 ? THR A 16 THR A 22 1 ? 7  
HELX_P HELX_P3 H3 GLN A 30 ? ALA A 38 ? GLN A 28 ALA A 36 1 ? 9  
HELX_P HELX_P4 H4 LEU A 47 ? ALA A 53 ? LEU A 45 ALA A 51 1 ? 7  
HELX_P HELX_P5 H5 PRO A 58 ? TYR A 63 ? PRO A 56 TYR A 61 1 ? 6  
# 
_struct_conf_type.id          HELX_P 
_struct_conf_type.criteria    ? 
_struct_conf_type.reference   ? 
# 
loop_
_pdbx_validate_rmsd_angle.id 
_pdbx_validate_rmsd_angle.PDB_model_num 
_pdbx_validate_rmsd_angle.auth_atom_id_1 
_pdbx_validate_rmsd_angle.auth_asym_id_1 
_pdbx_validate_rmsd_angle.auth_comp_id_1 
_pdbx_validate_rmsd_angle.auth_seq_id_1 
_pdbx_validate_rmsd_angle.PDB_ins_code_1 
_pdbx_validate_rmsd_angle.label_alt_id_1 
_pdbx_validate_rmsd_angle.auth_atom_id_2 
_pdbx_validate_rmsd_angle.auth_asym_id_2 
_pdbx_validate_rmsd_angle.auth_comp_id_2 
_pdbx_validate_rmsd_angle.auth_seq_id_2 
_pdbx_validate_rmsd_angle.PDB_ins_code_2 
_pdbx_validate_rmsd_angle.label_alt_id_2 
_pdbx_validate_rmsd_angle.auth_atom_id_3 
_pdbx_validate_rmsd_angle.auth_asym_id_3 
_pdbx_validate_rmsd_angle.auth_comp_id_3 
_pdbx_validate_rmsd_angle.auth_seq_id_3 
_pdbx_validate_rmsd_angle.PDB_ins_code_3 
_pdbx_validate_rmsd_angle.label_alt_id_3 
_pdbx_validate_rmsd_angle.angle_value 
_pdbx_validate_rmsd_angle.angle_target_value 
_pdbx_validate_rmsd_angle.angle_deviation 
_pdbx_validate_rmsd_angle.angle_standard_deviation 
_pdbx_validate_rmsd_angle.linker_flag 
1 1 NE A ARG 9  ? ? CZ A ARG 9  ? ? NH1 A ARG 9  ? ? 116.71 120.30 -3.59 0.50 N 
2 1 NE A ARG 10 ? ? CZ A ARG 10 ? ? NH2 A ARG 10 ? ? 116.87 120.30 -3.43 0.50 N 
# 
_pdbx_validate_torsion.id              1 
_pdbx_validate_torsion.PDB_model_num   1 
_pdbx_validate_torsion.auth_comp_id    PHE 
_pdbx_validate_torsion.auth_asym_id    A 
_pdbx_validate_torsion.auth_seq_id     44 
_pdbx_validate_torsion.PDB_ins_code    ? 
_pdbx_validate_torsion.label_alt_id    ? 
_pdbx_validate_torsion.phi             -101.48 
_pdbx_validate_torsion.psi             47.53 
# 
loop_
_pdbx_unobs_or_zero_occ_residues.id 
_pdbx_unobs_or_zero_occ_residues.PDB_model_num 
_pdbx_unobs_or_zero_occ_residues.polymer_flag 
_pdbx_unobs_or_zero_occ_residues.occupancy_flag 
_pdbx_unobs_or_zero_occ_residues.auth_asym_id 
_pdbx_unobs_or_zero_occ_residues.auth_comp_id 
_pdbx_unobs_or_zero_occ_residues.auth_seq_id 
_pdbx_unobs_or_zero_occ_residues.PDB_ins_code 
_pdbx_unobs_or_zero_occ_residues.label_asym_id 
_pdbx_unobs_or_zero_occ_residues.label_comp_id 
_pdbx_unobs_or_zero_occ_residues.label_seq_id 
1 1 Y 1 A LYS 64 ? A LYS 66 
2 1 Y 1 A ARG 65 ? A ARG 67 
3 1 Y 1 A GLY 66 ? A GLY 68 
4 1 Y 1 A LYS 67 ? A LYS 69 
5 1 Y 1 A ALA 68 ? A ALA 70 
6 1 Y 1 A ALA 69 ? A ALA 71 
# 
loop_
_chem_comp_atom.comp_id 
_chem_comp_atom.atom_id 
_chem_comp_atom.type_symbol 
_chem_comp_atom.pdbx_aromatic_flag 
_chem_comp_atom.pdbx_stereo_config 
_chem_comp_atom.pdbx_ordinal 
ALA N    N N N 1   
ALA CA   C N S 2   
ALA C    C N N 3   
ALA O    O N N 4   
ALA CB   C N N 5   
ALA OXT  O N N 6   
ALA H    H N N 7   
ALA H2   H N N 8   
ALA HA   H N N 9   
ALA HB1  H N N 10  
ALA HB2  H N N 11  
ALA HB3  H N N 12  
ALA HXT  H N N 13  
ARG N    N N N 14  
ARG CA   C N S 15  
ARG C    C N N 16  
ARG O    O N N 17  
ARG CB   C N N 18  
ARG CG   C N N 19  
ARG CD   C N N 20  
ARG NE   N N N 21  
ARG CZ   C N N 22  
ARG NH1  N N N 23  
ARG NH2  N N N 24  
ARG OXT  O N N 25  
ARG H    H N N 26  
ARG H2   H N N 27  
ARG HA   H N N 28  
ARG HB2  H N N 29  
ARG HB3  H N N 30  
ARG HG2  H N N 31  
ARG HG3  H N N 32  
ARG HD2  H N N 33  
ARG HD3  H N N 34  
ARG HE   H N N 35  
ARG HH11 H N N 36  
ARG HH12 H N N 37  
ARG HH21 H N N 38  
ARG HH22 H N N 39  
ARG HXT  H N N 40  
ASN N    N N N 41  
ASN CA   C N S 42  
ASN C    C N N 43  
ASN O    O N N 44  
ASN CB   C N N 45  
ASN CG   C N N 46  
ASN OD1  O N N 47  
ASN ND2  N N N 48  
ASN OXT  O N N 49  
ASN H    H N N 50  
ASN H2   H N N 51  
ASN HA   H N N 52  
ASN HB2  H N N 53  
ASN HB3  H N N 54  
ASN HD21 H N N 55  
ASN HD22 H N N 56  
ASN HXT  H N N 57  
ASP N    N N N 58  
ASP CA   C N S 59  
ASP C    C N N 60  
ASP O    O N N 61  
ASP CB   C N N 62  
ASP CG   C N N 63  
ASP OD1  O N N 64  
ASP OD2  O N N 65  
ASP OXT  O N N 66  
ASP H    H N N 67  
ASP H2   H N N 68  
ASP HA   H N N 69  
ASP HB2  H N N 70  
ASP HB3  H N N 71  
ASP HD2  H N N 72  
ASP HXT  H N N 73  
CYS N    N N N 74  
CYS CA   C N R 75  
CYS C    C N N 76  
CYS O    O N N 77  
CYS CB   C N N 78  
CYS SG   S N N 79  
CYS OXT  O N N 80  
CYS H    H N N 81  
CYS H2   H N N 82  
CYS HA   H N N 83  
CYS HB2  H N N 84  
CYS HB3  H N N 85  
CYS HG   H N N 86  
CYS HXT  H N N 87  
GLN N    N N N 88  
GLN CA   C N S 89  
GLN C    C N N 90  
GLN O    O N N 91  
GLN CB   C N N 92  
GLN CG   C N N 93  
GLN CD   C N N 94  
GLN OE1  O N N 95  
GLN NE2  N N N 96  
GLN OXT  O N N 97  
GLN H    H N N 98  
GLN H2   H N N 99  
GLN HA   H N N 100 
GLN HB2  H N N 101 
GLN HB3  H N N 102 
GLN HG2  H N N 103 
GLN HG3  H N N 104 
GLN HE21 H N N 105 
GLN HE22 H N N 106 
GLN HXT  H N N 107 
GLU N    N N N 108 
GLU CA   C N S 109 
GLU C    C N N 110 
GLU O    O N N 111 
GLU CB   C N N 112 
GLU CG   C N N 113 
GLU CD   C N N 114 
GLU OE1  O N N 115 
GLU OE2  O N N 116 
GLU OXT  O N N 117 
GLU H    H N N 118 
GLU H2   H N N 119 
GLU HA   H N N 120 
GLU HB2  H N N 121 
GLU HB3  H N N 122 
GLU HG2  H N N 123 
GLU HG3  H N N 124 
GLU HE2  H N N 125 
GLU HXT  H N N 126 
GLY N    N N N 127 
GLY CA   C N N 128 
GLY C    C N N 129 
GLY O    O N N 130 
GLY OXT  O N N 131 
GLY H    H N N 132 
GLY H2   H N N 133 
GLY HA2  H N N 134 
GLY HA3  H N N 135 
GLY HXT  H N N 136 
HOH O    O N N 137 
HOH H1   H N N 138 
HOH H2   H N N 139 
ILE N    N N N 140 
ILE CA   C N S 141 
ILE C    C N N 142 
ILE O    O N N 143 
ILE CB   C N S 144 
ILE CG1  C N N 145 
ILE CG2  C N N 146 
ILE CD1  C N N 147 
ILE OXT  O N N 148 
ILE H    H N N 149 
ILE H2   H N N 150 
ILE HA   H N N 151 
ILE HB   H N N 152 
ILE HG12 H N N 153 
ILE HG13 H N N 154 
ILE HG21 H N N 155 
ILE HG22 H N N 156 
ILE HG23 H N N 157 
ILE HD11 H N N 158 
ILE HD12 H N N 159 
ILE HD13 H N N 160 
ILE HXT  H N N 161 
LEU N    N N N 162 
LEU CA   C N S 163 
LEU C    C N N 164 
LEU O    O N N 165 
LEU CB   C N N 166 
LEU CG   C N N 167 
LEU CD1  C N N 168 
LEU CD2  C N N 169 
LEU OXT  O N N 170 
LEU H    H N N 171 
LEU H2   H N N 172 
LEU HA   H N N 173 
LEU HB2  H N N 174 
LEU HB3  H N N 175 
LEU HG   H N N 176 
LEU HD11 H N N 177 
LEU HD12 H N N 178 
LEU HD13 H N N 179 
LEU HD21 H N N 180 
LEU HD22 H N N 181 
LEU HD23 H N N 182 
LEU HXT  H N N 183 
LYS N    N N N 184 
LYS CA   C N S 185 
LYS C    C N N 186 
LYS O    O N N 187 
LYS CB   C N N 188 
LYS CG   C N N 189 
LYS CD   C N N 190 
LYS CE   C N N 191 
LYS NZ   N N N 192 
LYS OXT  O N N 193 
LYS H    H N N 194 
LYS H2   H N N 195 
LYS HA   H N N 196 
LYS HB2  H N N 197 
LYS HB3  H N N 198 
LYS HG2  H N N 199 
LYS HG3  H N N 200 
LYS HD2  H N N 201 
LYS HD3  H N N 202 
LYS HE2  H N N 203 
LYS HE3  H N N 204 
LYS HZ1  H N N 205 
LYS HZ2  H N N 206 
LYS HZ3  H N N 207 
LYS HXT  H N N 208 
MET N    N N N 209 
MET CA   C N S 210 
MET C    C N N 211 
MET O    O N N 212 
MET CB   C N N 213 
MET CG   C N N 214 
MET SD   S N N 215 
MET CE   C N N 216 
MET OXT  O N N 217 
MET H    H N N 218 
MET H2   H N N 219 
MET HA   H N N 220 
MET HB2  H N N 221 
MET HB3  H N N 222 
MET HG2  H N N 223 
MET HG3  H N N 224 
MET HE1  H N N 225 
MET HE2  H N N 226 
MET HE3  H N N 227 
MET HXT  H N N 228 
PHE N    N N N 229 
PHE CA   C N S 230 
PHE C    C N N 231 
PHE O    O N N 232 
PHE CB   C N N 233 
PHE CG   C Y N 234 
PHE CD1  C Y N 235 
PHE CD2  C Y N 236 
PHE CE1  C Y N 237 
PHE CE2  C Y N 238 
PHE CZ   C Y N 239 
PHE OXT  O N N 240 
PHE H    H N N 241 
PHE H2   H N N 242 
PHE HA   H N N 243 
PHE HB2  H N N 244 
PHE HB3  H N N 245 
PHE HD1  H N N 246 
PHE HD2  H N N 247 
PHE HE1  H N N 248 
PHE HE2  H N N 249 
PHE HZ   H N N 250 
PHE HXT  H N N 251 
PRO N    N N N 252 
PRO CA   C N S 253 
PRO C    C N N 254 
PRO O    O N N 255 
PRO CB   C N N 256 
PRO CG   C N N 257 
PRO CD   C N N 258 
PRO OXT  O N N 259 
PRO H    H N N 260 
PRO HA   H N N 261 
PRO HB2  H N N 262 
PRO HB3  H N N 263 
PRO HG2  H N N 264 
PRO HG3  H N N 265 
PRO HD2  H N N 266 
PRO HD3  H N N 267 
PRO HXT  H N N 268 
SER N    N N N 269 
SER CA   C N S 270 
SER C    C N N 271 
SER O    O N N 272 
SER CB   C N N 273 
SER OG   O N N 274 
SER OXT  O N N 275 
SER H    H N N 276 
SER H2   H N N 277 
SER HA   H N N 278 
SER HB2  H N N 279 
SER HB3  H N N 280 
SER HG   H N N 281 
SER HXT  H N N 282 
THR N    N N N 283 
THR CA   C N S 284 
THR C    C N N 285 
THR O    O N N 286 
THR CB   C N R 287 
THR OG1  O N N 288 
THR CG2  C N N 289 
THR OXT  O N N 290 
THR H    H N N 291 
THR H2   H N N 292 
THR HA   H N N 293 
THR HB   H N N 294 
THR HG1  H N N 295 
THR HG21 H N N 296 
THR HG22 H N N 297 
THR HG23 H N N 298 
THR HXT  H N N 299 
TRP N    N N N 300 
TRP CA   C N S 301 
TRP C    C N N 302 
TRP O    O N N 303 
TRP CB   C N N 304 
TRP CG   C Y N 305 
TRP CD1  C Y N 306 
TRP CD2  C Y N 307 
TRP NE1  N Y N 308 
TRP CE2  C Y N 309 
TRP CE3  C Y N 310 
TRP CZ2  C Y N 311 
TRP CZ3  C Y N 312 
TRP CH2  C Y N 313 
TRP OXT  O N N 314 
TRP H    H N N 315 
TRP H2   H N N 316 
TRP HA   H N N 317 
TRP HB2  H N N 318 
TRP HB3  H N N 319 
TRP HD1  H N N 320 
TRP HE1  H N N 321 
TRP HE3  H N N 322 
TRP HZ2  H N N 323 
TRP HZ3  H N N 324 
TRP HH2  H N N 325 
TRP HXT  H N N 326 
TYR N    N N N 327 
TYR CA   C N S 328 
TYR C    C N N 329 
TYR O    O N N 330 
TYR CB   C N N 331 
TYR CG   C Y N 332 
TYR CD1  C Y N 333 
TYR CD2  C Y N 334 
TYR CE1  C Y N 335 
TYR CE2  C Y N 336 
TYR CZ   C Y N 337 
TYR OH   O N N 338 
TYR OXT  O N N 339 
TYR H    H N N 340 
TYR H2   H N N 341 
TYR HA   H N N 342 
TYR HB2  H N N 343 
TYR HB3  H N N 344 
TYR HD1  H N N 345 
TYR HD2  H N N 346 
TYR HE1  H N N 347 
TYR HE2  H N N 348 
TYR HH   H N N 349 
TYR HXT  H N N 350 
VAL N    N N N 351 
VAL CA   C N S 352 
VAL C    C N N 353 
VAL O    O N N 354 
VAL CB   C N N 355 
VAL CG1  C N N 356 
VAL CG2  C N N 357 
VAL OXT  O N N 358 
VAL H    H N N 359 
VAL H2   H N N 360 
VAL HA   H N N 361 
VAL HB   H N N 362 
VAL HG11 H N N 363 
VAL HG12 H N N 364 
VAL HG13 H N N 365 
VAL HG21 H N N 366 
VAL HG22 H N N 367 
VAL HG23 H N N 368 
VAL HXT  H N N 369 
# 
loop_
_chem_comp_bond.comp_id 
_chem_comp_bond.atom_id_1 
_chem_comp_bond.atom_id_2 
_chem_comp_bond.value_order 
_chem_comp_bond.pdbx_aromatic_flag 
_chem_comp_bond.pdbx_stereo_config 
_chem_comp_bond.pdbx_ordinal 
ALA N   CA   sing N N 1   
ALA N   H    sing N N 2   
ALA N   H2   sing N N 3   
ALA CA  C    sing N N 4   
ALA CA  CB   sing N N 5   
ALA CA  HA   sing N N 6   
ALA C   O    doub N N 7   
ALA C   OXT  sing N N 8   
ALA CB  HB1  sing N N 9   
ALA CB  HB2  sing N N 10  
ALA CB  HB3  sing N N 11  
ALA OXT HXT  sing N N 12  
ARG N   CA   sing N N 13  
ARG N   H    sing N N 14  
ARG N   H2   sing N N 15  
ARG CA  C    sing N N 16  
ARG CA  CB   sing N N 17  
ARG CA  HA   sing N N 18  
ARG C   O    doub N N 19  
ARG C   OXT  sing N N 20  
ARG CB  CG   sing N N 21  
ARG CB  HB2  sing N N 22  
ARG CB  HB3  sing N N 23  
ARG CG  CD   sing N N 24  
ARG CG  HG2  sing N N 25  
ARG CG  HG3  sing N N 26  
ARG CD  NE   sing N N 27  
ARG CD  HD2  sing N N 28  
ARG CD  HD3  sing N N 29  
ARG NE  CZ   sing N N 30  
ARG NE  HE   sing N N 31  
ARG CZ  NH1  sing N N 32  
ARG CZ  NH2  doub N N 33  
ARG NH1 HH11 sing N N 34  
ARG NH1 HH12 sing N N 35  
ARG NH2 HH21 sing N N 36  
ARG NH2 HH22 sing N N 37  
ARG OXT HXT  sing N N 38  
ASN N   CA   sing N N 39  
ASN N   H    sing N N 40  
ASN N   H2   sing N N 41  
ASN CA  C    sing N N 42  
ASN CA  CB   sing N N 43  
ASN CA  HA   sing N N 44  
ASN C   O    doub N N 45  
ASN C   OXT  sing N N 46  
ASN CB  CG   sing N N 47  
ASN CB  HB2  sing N N 48  
ASN CB  HB3  sing N N 49  
ASN CG  OD1  doub N N 50  
ASN CG  ND2  sing N N 51  
ASN ND2 HD21 sing N N 52  
ASN ND2 HD22 sing N N 53  
ASN OXT HXT  sing N N 54  
ASP N   CA   sing N N 55  
ASP N   H    sing N N 56  
ASP N   H2   sing N N 57  
ASP CA  C    sing N N 58  
ASP CA  CB   sing N N 59  
ASP CA  HA   sing N N 60  
ASP C   O    doub N N 61  
ASP C   OXT  sing N N 62  
ASP CB  CG   sing N N 63  
ASP CB  HB2  sing N N 64  
ASP CB  HB3  sing N N 65  
ASP CG  OD1  doub N N 66  
ASP CG  OD2  sing N N 67  
ASP OD2 HD2  sing N N 68  
ASP OXT HXT  sing N N 69  
CYS N   CA   sing N N 70  
CYS N   H    sing N N 71  
CYS N   H2   sing N N 72  
CYS CA  C    sing N N 73  
CYS CA  CB   sing N N 74  
CYS CA  HA   sing N N 75  
CYS C   O    doub N N 76  
CYS C   OXT  sing N N 77  
CYS CB  SG   sing N N 78  
CYS CB  HB2  sing N N 79  
CYS CB  HB3  sing N N 80  
CYS SG  HG   sing N N 81  
CYS OXT HXT  sing N N 82  
GLN N   CA   sing N N 83  
GLN N   H    sing N N 84  
GLN N   H2   sing N N 85  
GLN CA  C    sing N N 86  
GLN CA  CB   sing N N 87  
GLN CA  HA   sing N N 88  
GLN C   O    doub N N 89  
GLN C   OXT  sing N N 90  
GLN CB  CG   sing N N 91  
GLN CB  HB2  sing N N 92  
GLN CB  HB3  sing N N 93  
GLN CG  CD   sing N N 94  
GLN CG  HG2  sing N N 95  
GLN CG  HG3  sing N N 96  
GLN CD  OE1  doub N N 97  
GLN CD  NE2  sing N N 98  
GLN NE2 HE21 sing N N 99  
GLN NE2 HE22 sing N N 100 
GLN OXT HXT  sing N N 101 
GLU N   CA   sing N N 102 
GLU N   H    sing N N 103 
GLU N   H2   sing N N 104 
GLU CA  C    sing N N 105 
GLU CA  CB   sing N N 106 
GLU CA  HA   sing N N 107 
GLU C   O    doub N N 108 
GLU C   OXT  sing N N 109 
GLU CB  CG   sing N N 110 
GLU CB  HB2  sing N N 111 
GLU CB  HB3  sing N N 112 
GLU CG  CD   sing N N 113 
GLU CG  HG2  sing N N 114 
GLU CG  HG3  sing N N 115 
GLU CD  OE1  doub N N 116 
GLU CD  OE2  sing N N 117 
GLU OE2 HE2  sing N N 118 
GLU OXT HXT  sing N N 119 
GLY N   CA   sing N N 120 
GLY N   H    sing N N 121 
GLY N   H2   sing N N 122 
GLY CA  C    sing N N 123 
GLY CA  HA2  sing N N 124 
GLY CA  HA3  sing N N 125 
GLY C   O    doub N N 126 
GLY C   OXT  sing N N 127 
GLY OXT HXT  sing N N 128 
HOH O   H1   sing N N 129 
HOH O   H2   sing N N 130 
ILE N   CA   sing N N 131 
ILE N   H    sing N N 132 
ILE N   H2   sing N N 133 
ILE CA  C    sing N N 134 
ILE CA  CB   sing N N 135 
ILE CA  HA   sing N N 136 
ILE C   O    doub N N 137 
ILE C   OXT  sing N N 138 
ILE CB  CG1  sing N N 139 
ILE CB  CG2  sing N N 140 
ILE CB  HB   sing N N 141 
ILE CG1 CD1  sing N N 142 
ILE CG1 HG12 sing N N 143 
ILE CG1 HG13 sing N N 144 
ILE CG2 HG21 sing N N 145 
ILE CG2 HG22 sing N N 146 
ILE CG2 HG23 sing N N 147 
ILE CD1 HD11 sing N N 148 
ILE CD1 HD12 sing N N 149 
ILE CD1 HD13 sing N N 150 
ILE OXT HXT  sing N N 151 
LEU N   CA   sing N N 152 
LEU N   H    sing N N 153 
LEU N   H2   sing N N 154 
LEU CA  C    sing N N 155 
LEU CA  CB   sing N N 156 
LEU CA  HA   sing N N 157 
LEU C   O    doub N N 158 
LEU C   OXT  sing N N 159 
LEU CB  CG   sing N N 160 
LEU CB  HB2  sing N N 161 
LEU CB  HB3  sing N N 162 
LEU CG  CD1  sing N N 163 
LEU CG  CD2  sing N N 164 
LEU CG  HG   sing N N 165 
LEU CD1 HD11 sing N N 166 
LEU CD1 HD12 sing N N 167 
LEU CD1 HD13 sing N N 168 
LEU CD2 HD21 sing N N 169 
LEU CD2 HD22 sing N N 170 
LEU CD2 HD23 sing N N 171 
LEU OXT HXT  sing N N 172 
LYS N   CA   sing N N 173 
LYS N   H    sing N N 174 
LYS N   H2   sing N N 175 
LYS CA  C    sing N N 176 
LYS CA  CB   sing N N 177 
LYS CA  HA   sing N N 178 
LYS C   O    doub N N 179 
LYS C   OXT  sing N N 180 
LYS CB  CG   sing N N 181 
LYS CB  HB2  sing N N 182 
LYS CB  HB3  sing N N 183 
LYS CG  CD   sing N N 184 
LYS CG  HG2  sing N N 185 
LYS CG  HG3  sing N N 186 
LYS CD  CE   sing N N 187 
LYS CD  HD2  sing N N 188 
LYS CD  HD3  sing N N 189 
LYS CE  NZ   sing N N 190 
LYS CE  HE2  sing N N 191 
LYS CE  HE3  sing N N 192 
LYS NZ  HZ1  sing N N 193 
LYS NZ  HZ2  sing N N 194 
LYS NZ  HZ3  sing N N 195 
LYS OXT HXT  sing N N 196 
MET N   CA   sing N N 197 
MET N   H    sing N N 198 
MET N   H2   sing N N 199 
MET CA  C    sing N N 200 
MET CA  CB   sing N N 201 
MET CA  HA   sing N N 202 
MET C   O    doub N N 203 
MET C   OXT  sing N N 204 
MET CB  CG   sing N N 205 
MET CB  HB2  sing N N 206 
MET CB  HB3  sing N N 207 
MET CG  SD   sing N N 208 
MET CG  HG2  sing N N 209 
MET CG  HG3  sing N N 210 
MET SD  CE   sing N N 211 
MET CE  HE1  sing N N 212 
MET CE  HE2  sing N N 213 
MET CE  HE3  sing N N 214 
MET OXT HXT  sing N N 215 
PHE N   CA   sing N N 216 
PHE N   H    sing N N 217 
PHE N   H2   sing N N 218 
PHE CA  C    sing N N 219 
PHE CA  CB   sing N N 220 
PHE CA  HA   sing N N 221 
PHE C   O    doub N N 222 
PHE C   OXT  sing N N 223 
PHE CB  CG   sing N N 224 
PHE CB  HB2  sing N N 225 
PHE CB  HB3  sing N N 226 
PHE CG  CD1  doub Y N 227 
PHE CG  CD2  sing Y N 228 
PHE CD1 CE1  sing Y N 229 
PHE CD1 HD1  sing N N 230 
PHE CD2 CE2  doub Y N 231 
PHE CD2 HD2  sing N N 232 
PHE CE1 CZ   doub Y N 233 
PHE CE1 HE1  sing N N 234 
PHE CE2 CZ   sing Y N 235 
PHE CE2 HE2  sing N N 236 
PHE CZ  HZ   sing N N 237 
PHE OXT HXT  sing N N 238 
PRO N   CA   sing N N 239 
PRO N   CD   sing N N 240 
PRO N   H    sing N N 241 
PRO CA  C    sing N N 242 
PRO CA  CB   sing N N 243 
PRO CA  HA   sing N N 244 
PRO C   O    doub N N 245 
PRO C   OXT  sing N N 246 
PRO CB  CG   sing N N 247 
PRO CB  HB2  sing N N 248 
PRO CB  HB3  sing N N 249 
PRO CG  CD   sing N N 250 
PRO CG  HG2  sing N N 251 
PRO CG  HG3  sing N N 252 
PRO CD  HD2  sing N N 253 
PRO CD  HD3  sing N N 254 
PRO OXT HXT  sing N N 255 
SER N   CA   sing N N 256 
SER N   H    sing N N 257 
SER N   H2   sing N N 258 
SER CA  C    sing N N 259 
SER CA  CB   sing N N 260 
SER CA  HA   sing N N 261 
SER C   O    doub N N 262 
SER C   OXT  sing N N 263 
SER CB  OG   sing N N 264 
SER CB  HB2  sing N N 265 
SER CB  HB3  sing N N 266 
SER OG  HG   sing N N 267 
SER OXT HXT  sing N N 268 
THR N   CA   sing N N 269 
THR N   H    sing N N 270 
THR N   H2   sing N N 271 
THR CA  C    sing N N 272 
THR CA  CB   sing N N 273 
THR CA  HA   sing N N 274 
THR C   O    doub N N 275 
THR C   OXT  sing N N 276 
THR CB  OG1  sing N N 277 
THR CB  CG2  sing N N 278 
THR CB  HB   sing N N 279 
THR OG1 HG1  sing N N 280 
THR CG2 HG21 sing N N 281 
THR CG2 HG22 sing N N 282 
THR CG2 HG23 sing N N 283 
THR OXT HXT  sing N N 284 
TRP N   CA   sing N N 285 
TRP N   H    sing N N 286 
TRP N   H2   sing N N 287 
TRP CA  C    sing N N 288 
TRP CA  CB   sing N N 289 
TRP CA  HA   sing N N 290 
TRP C   O    doub N N 291 
TRP C   OXT  sing N N 292 
TRP CB  CG   sing N N 293 
TRP CB  HB2  sing N N 294 
TRP CB  HB3  sing N N 295 
TRP CG  CD1  doub Y N 296 
TRP CG  CD2  sing Y N 297 
TRP CD1 NE1  sing Y N 298 
TRP CD1 HD1  sing N N 299 
TRP CD2 CE2  doub Y N 300 
TRP CD2 CE3  sing Y N 301 
TRP NE1 CE2  sing Y N 302 
TRP NE1 HE1  sing N N 303 
TRP CE2 CZ2  sing Y N 304 
TRP CE3 CZ3  doub Y N 305 
TRP CE3 HE3  sing N N 306 
TRP CZ2 CH2  doub Y N 307 
TRP CZ2 HZ2  sing N N 308 
TRP CZ3 CH2  sing Y N 309 
TRP CZ3 HZ3  sing N N 310 
TRP CH2 HH2  sing N N 311 
TRP OXT HXT  sing N N 312 
TYR N   CA   sing N N 313 
TYR N   H    sing N N 314 
TYR N   H2   sing N N 315 
TYR CA  C    sing N N 316 
TYR CA  CB   sing N N 317 
TYR CA  HA   sing N N 318 
TYR C   O    doub N N 319 
TYR C   OXT  sing N N 320 
TYR CB  CG   sing N N 321 
TYR CB  HB2  sing N N 322 
TYR CB  HB3  sing N N 323 
TYR CG  CD1  doub Y N 324 
TYR CG  CD2  sing Y N 325 
TYR CD1 CE1  sing Y N 326 
TYR CD1 HD1  sing N N 327 
TYR CD2 CE2  doub Y N 328 
TYR CD2 HD2  sing N N 329 
TYR CE1 CZ   doub Y N 330 
TYR CE1 HE1  sing N N 331 
TYR CE2 CZ   sing Y N 332 
TYR CE2 HE2  sing N N 333 
TYR CZ  OH   sing N N 334 
TYR OH  HH   sing N N 335 
TYR OXT HXT  sing N N 336 
VAL N   CA   sing N N 337 
VAL N   H    sing N N 338 
VAL N   H2   sing N N 339 
VAL CA  C    sing N N 340 
VAL CA  CB   sing N N 341 
VAL CA  HA   sing N N 342 
VAL C   O    doub N N 343 
VAL C   OXT  sing N N 344 
VAL CB  CG1  sing N N 345 
VAL CB  CG2  sing N N 346 
VAL CB  HB   sing N N 347 
VAL CG1 HG11 sing N N 348 
VAL CG1 HG12 sing N N 349 
VAL CG1 HG13 sing N N 350 
VAL CG2 HG21 sing N N 351 
VAL CG2 HG22 sing N N 352 
VAL CG2 HG23 sing N N 353 
VAL OXT HXT  sing N N 354 
# 
_atom_sites.entry_id                    2CRO 
_atom_sites.fract_transf_matrix[1][1]   0.02250449 
_atom_sites.fract_transf_matrix[1][2]   0.00113734 
_atom_sites.fract_transf_matrix[1][3]   0.00542629 
_atom_sites.fract_transf_matrix[2][1]   0.01581196 
_atom_sites.fract_transf_matrix[2][2]   0.00292660 
_atom_sites.fract_transf_matrix[2][3]   -0.01669102 
_atom_sites.fract_transf_matrix[3][1]   -0.00048600 
_atom_sites.fract_transf_matrix[3][2]   0.00643223 
_atom_sites.fract_transf_matrix[3][3]   0.00066742 
_atom_sites.fract_transf_vector[1]      0.217602 
_atom_sites.fract_transf_vector[2]      -0.081785 
_atom_sites.fract_transf_vector[3]      0.096708 
# 
_atom_sites_footnote.id     1 
_atom_sites_footnote.text   'SEE REMARK 5.' 
# 
loop_
_atom_type.symbol 
C 
N 
O 
S 
# 
loop_
_atom_site.group_PDB 
_atom_site.id 
_atom_site.type_symbol 
_atom_site.label_atom_id 
_atom_site.label_alt_id 
_atom_site.label_comp_id 
_atom_site.label_asym_id 
_atom_site.label_entity_id 
_atom_site.label_seq_id 
_atom_site.pdbx_PDB_ins_code 
_atom_site.Cartn_x 
_atom_site.Cartn_y 
_atom_site.Cartn_z 
_atom_site.occupancy 
_atom_site.B_iso_or_equiv 
_atom_site.pdbx_formal_charge 
_atom_site.auth_seq_id 
_atom_site.auth_comp_id 
_atom_site.auth_asym_id 
_atom_site.auth_atom_id 
_atom_site.pdbx_PDB_model_num 
ATOM   1   N N   . MET A 1 1  ? 13.583  -1.397  -0.025  1.00 57.49 ? -1  MET A N   1 
ATOM   2   C CA  . MET A 1 1  ? 12.329  -1.593  -0.765  1.00 57.64 ? -1  MET A CA  1 
ATOM   3   C C   . MET A 1 1  ? 11.983  -3.083  -0.778  1.00 57.49 ? -1  MET A C   1 
ATOM   4   O O   . MET A 1 1  ? 11.117  -3.491  -1.571  1.00 58.01 ? -1  MET A O   1 
ATOM   5   C CB  . MET A 1 1  ? 12.466  -1.062  -2.187  1.00 58.15 ? -1  MET A CB  1 
ATOM   6   C CG  . MET A 1 1  ? 11.164  -0.590  -2.762  1.00 58.97 ? -1  MET A CG  1 
ATOM   7   S SD  . MET A 1 1  ? 11.151  -0.847  -4.578  1.00 59.76 ? -1  MET A SD  1 
ATOM   8   C CE  . MET A 1 1  ? 11.164  -2.656  -4.625  1.00 59.45 ? -1  MET A CE  1 
ATOM   9   N N   . GLN A 1 2  ? 12.652  -3.840  0.072   1.00 56.85 ? 0   GLN A N   1 
ATOM   10  C CA  . GLN A 1 2  ? 12.473  -5.294  0.186   1.00 55.76 ? 0   GLN A CA  1 
ATOM   11  C C   . GLN A 1 2  ? 11.383  -5.700  1.168   1.00 53.89 ? 0   GLN A C   1 
ATOM   12  O O   . GLN A 1 2  ? 11.073  -6.899  1.293   1.00 54.19 ? 0   GLN A O   1 
ATOM   13  C CB  . GLN A 1 2  ? 13.788  -6.039  0.463   1.00 56.91 ? 0   GLN A CB  1 
ATOM   14  C CG  . GLN A 1 2  ? 14.671  -6.015  -0.770  1.00 58.47 ? 0   GLN A CG  1 
ATOM   15  C CD  . GLN A 1 2  ? 15.682  -7.121  -0.879  1.00 59.80 ? 0   GLN A CD  1 
ATOM   16  O OE1 . GLN A 1 2  ? 15.746  -8.084  -0.117  1.00 60.52 ? 0   GLN A OE1 1 
ATOM   17  N NE2 . GLN A 1 2  ? 16.523  -6.980  -1.912  1.00 60.33 ? 0   GLN A NE2 1 
ATOM   18  N N   . THR A 1 3  ? 10.798  -4.723  1.828   1.00 51.39 ? 1   THR A N   1 
ATOM   19  C CA  . THR A 1 3  ? 9.693   -4.977  2.775   1.00 48.63 ? 1   THR A CA  1 
ATOM   20  C C   . THR A 1 3  ? 8.434   -4.371  2.151   1.00 46.38 ? 1   THR A C   1 
ATOM   21  O O   . THR A 1 3  ? 8.524   -3.389  1.386   1.00 45.76 ? 1   THR A O   1 
ATOM   22  C CB  . THR A 1 3  ? 10.043  -4.472  4.219   1.00 48.67 ? 1   THR A CB  1 
ATOM   23  O OG1 . THR A 1 3  ? 9.213   -5.250  5.144   1.00 49.00 ? 1   THR A OG1 1 
ATOM   24  C CG2 . THR A 1 3  ? 9.872   -2.977  4.458   1.00 48.43 ? 1   THR A CG2 1 
ATOM   25  N N   . LEU A 1 4  ? 7.298   -4.960  2.469   1.00 44.02 ? 2   LEU A N   1 
ATOM   26  C CA  . LEU A 1 4  ? 5.981   -4.536  1.988   1.00 42.05 ? 2   LEU A CA  1 
ATOM   27  C C   . LEU A 1 4  ? 5.651   -3.078  2.321   1.00 41.54 ? 2   LEU A C   1 
ATOM   28  O O   . LEU A 1 4  ? 5.095   -2.337  1.488   1.00 41.97 ? 2   LEU A O   1 
ATOM   29  C CB  . LEU A 1 4  ? 4.935   -5.509  2.543   1.00 40.72 ? 2   LEU A CB  1 
ATOM   30  C CG  . LEU A 1 4  ? 3.515   -4.978  2.603   1.00 39.85 ? 2   LEU A CG  1 
ATOM   31  C CD1 . LEU A 1 4  ? 2.969   -4.671  1.216   1.00 39.33 ? 2   LEU A CD1 1 
ATOM   32  C CD2 . LEU A 1 4  ? 2.668   -6.024  3.316   1.00 39.89 ? 2   LEU A CD2 1 
ATOM   33  N N   . SER A 1 5  ? 5.989   -2.676  3.529   1.00 40.19 ? 3   SER A N   1 
ATOM   34  C CA  . SER A 1 5  ? 5.760   -1.317  4.007   1.00 39.34 ? 3   SER A CA  1 
ATOM   35  C C   . SER A 1 5  ? 6.598   -0.344  3.172   1.00 38.88 ? 3   SER A C   1 
ATOM   36  O O   . SER A 1 5  ? 6.150   0.775   2.891   1.00 38.66 ? 3   SER A O   1 
ATOM   37  C CB  . SER A 1 5  ? 6.043   -1.183  5.487   1.00 39.44 ? 3   SER A CB  1 
ATOM   38  O OG  . SER A 1 5  ? 7.369   -1.422  5.891   1.00 38.93 ? 3   SER A OG  1 
ATOM   39  N N   . GLU A 1 6  ? 7.776   -0.792  2.804   1.00 38.77 ? 4   GLU A N   1 
ATOM   40  C CA  . GLU A 1 6  ? 8.743   -0.035  2.019   1.00 39.66 ? 4   GLU A CA  1 
ATOM   41  C C   . GLU A 1 6  ? 8.332   0.106   0.557   1.00 37.65 ? 4   GLU A C   1 
ATOM   42  O O   . GLU A 1 6  ? 8.509   1.133   -0.116  1.00 38.14 ? 4   GLU A O   1 
ATOM   43  C CB  . GLU A 1 6  ? 10.098  -0.737  1.960   1.00 42.91 ? 4   GLU A CB  1 
ATOM   44  C CG  . GLU A 1 6  ? 11.036  -0.635  3.164   1.00 46.51 ? 4   GLU A CG  1 
ATOM   45  C CD  . GLU A 1 6  ? 12.245  -1.522  2.982   1.00 49.08 ? 4   GLU A CD  1 
ATOM   46  O OE1 . GLU A 1 6  ? 12.154  -2.714  2.726   1.00 49.88 ? 4   GLU A OE1 1 
ATOM   47  O OE2 . GLU A 1 6  ? 13.299  -0.857  3.105   1.00 50.92 ? 4   GLU A OE2 1 
ATOM   48  N N   . ARG A 1 7  ? 7.803   -1.005  0.102   1.00 34.90 ? 5   ARG A N   1 
ATOM   49  C CA  . ARG A 1 7  ? 7.319   -1.175  -1.273  1.00 32.27 ? 5   ARG A CA  1 
ATOM   50  C C   . ARG A 1 7  ? 6.075   -0.321  -1.481  1.00 29.84 ? 5   ARG A C   1 
ATOM   51  O O   . ARG A 1 7  ? 5.994   0.383   -2.506  1.00 29.46 ? 5   ARG A O   1 
ATOM   52  C CB  . ARG A 1 7  ? 7.154   -2.664  -1.518  1.00 32.93 ? 5   ARG A CB  1 
ATOM   53  C CG  . ARG A 1 7  ? 7.240   -3.158  -2.948  1.00 34.28 ? 5   ARG A CG  1 
ATOM   54  C CD  . ARG A 1 7  ? 7.852   -4.522  -2.977  1.00 35.38 ? 5   ARG A CD  1 
ATOM   55  N NE  . ARG A 1 7  ? 7.132   -5.411  -2.068  1.00 36.27 ? 5   ARG A NE  1 
ATOM   56  C CZ  . ARG A 1 7  ? 7.814   -6.341  -1.389  1.00 37.05 ? 5   ARG A CZ  1 
ATOM   57  N NH1 . ARG A 1 7  ? 9.126   -6.445  -1.571  1.00 37.52 ? 5   ARG A NH1 1 
ATOM   58  N NH2 . ARG A 1 7  ? 7.165   -7.105  -0.517  1.00 37.54 ? 5   ARG A NH2 1 
ATOM   59  N N   . LEU A 1 8  ? 5.163   -0.324  -0.527  1.00 27.18 ? 6   LEU A N   1 
ATOM   60  C CA  . LEU A 1 8  ? 3.932   0.458   -0.651  1.00 26.16 ? 6   LEU A CA  1 
ATOM   61  C C   . LEU A 1 8  ? 4.177   1.952   -0.534  1.00 25.67 ? 6   LEU A C   1 
ATOM   62  O O   . LEU A 1 8  ? 3.520   2.712   -1.272  1.00 25.37 ? 6   LEU A O   1 
ATOM   63  C CB  . LEU A 1 8  ? 2.882   -0.098  0.309   1.00 26.41 ? 6   LEU A CB  1 
ATOM   64  C CG  . LEU A 1 8  ? 1.726   0.762   0.783   1.00 26.28 ? 6   LEU A CG  1 
ATOM   65  C CD1 . LEU A 1 8  ? 1.094   1.575   -0.320  1.00 26.32 ? 6   LEU A CD1 1 
ATOM   66  C CD2 . LEU A 1 8  ? 0.659   -0.183  1.334   1.00 27.07 ? 6   LEU A CD2 1 
ATOM   67  N N   . LYS A 1 9  ? 5.065   2.328   0.355   1.00 25.77 ? 7   LYS A N   1 
ATOM   68  C CA  . LYS A 1 9  ? 5.401   3.745   0.595   1.00 25.85 ? 7   LYS A CA  1 
ATOM   69  C C   . LYS A 1 9  ? 6.086   4.348   -0.623  1.00 23.56 ? 7   LYS A C   1 
ATOM   70  O O   . LYS A 1 9  ? 5.732   5.444   -1.066  1.00 22.14 ? 7   LYS A O   1 
ATOM   71  C CB  . LYS A 1 9  ? 6.247   3.955   1.860   1.00 27.99 ? 7   LYS A CB  1 
ATOM   72  C CG  . LYS A 1 9  ? 6.443   5.447   2.147   1.00 30.13 ? 7   LYS A CG  1 
ATOM   73  C CD  . LYS A 1 9  ? 6.647   5.767   3.617   1.00 31.77 ? 7   LYS A CD  1 
ATOM   74  C CE  . LYS A 1 9  ? 7.947   5.211   4.150   1.00 33.44 ? 7   LYS A CE  1 
ATOM   75  N NZ  . LYS A 1 9  ? 8.423   6.035   5.306   1.00 35.19 ? 7   LYS A NZ  1 
ATOM   76  N N   . LYS A 1 10 ? 7.046   3.611   -1.134  1.00 22.90 ? 8   LYS A N   1 
ATOM   77  C CA  . LYS A 1 10 ? 7.801   4.008   -2.327  1.00 24.32 ? 8   LYS A CA  1 
ATOM   78  C C   . LYS A 1 10 ? 6.895   4.141   -3.550  1.00 23.47 ? 8   LYS A C   1 
ATOM   79  O O   . LYS A 1 10 ? 7.032   5.142   -4.281  1.00 25.25 ? 8   LYS A O   1 
ATOM   80  C CB  . LYS A 1 10 ? 8.946   3.038   -2.595  1.00 25.85 ? 8   LYS A CB  1 
ATOM   81  C CG  . LYS A 1 10 ? 10.253  3.398   -1.911  1.00 28.56 ? 8   LYS A CG  1 
ATOM   82  C CD  . LYS A 1 10 ? 10.106  4.335   -0.715  1.00 31.08 ? 8   LYS A CD  1 
ATOM   83  C CE  . LYS A 1 10 ? 11.411  4.462   0.061   1.00 32.47 ? 8   LYS A CE  1 
ATOM   84  N NZ  . LYS A 1 10 ? 11.482  5.735   0.838   1.00 32.68 ? 8   LYS A NZ  1 
ATOM   85  N N   . ARG A 1 11 ? 6.014   3.192   -3.800  1.00 20.97 ? 9   ARG A N   1 
ATOM   86  C CA  . ARG A 1 11 ? 5.087   3.218   -4.943  1.00 19.63 ? 9   ARG A CA  1 
ATOM   87  C C   . ARG A 1 11 ? 4.059   4.328   -4.750  1.00 20.38 ? 9   ARG A C   1 
ATOM   88  O O   . ARG A 1 11 ? 3.797   5.113   -5.672  1.00 20.75 ? 9   ARG A O   1 
ATOM   89  C CB  . ARG A 1 11 ? 4.467   1.867   -5.172  1.00 19.76 ? 9   ARG A CB  1 
ATOM   90  C CG  . ARG A 1 11 ? 3.426   1.721   -6.263  1.00 18.47 ? 9   ARG A CG  1 
ATOM   91  C CD  . ARG A 1 11 ? 4.032   1.850   -7.612  1.00 17.10 ? 9   ARG A CD  1 
ATOM   92  N NE  . ARG A 1 11 ? 2.953   1.608   -8.577  1.00 17.11 ? 9   ARG A NE  1 
ATOM   93  C CZ  . ARG A 1 11 ? 3.223   1.677   -9.894  1.00 16.20 ? 9   ARG A CZ  1 
ATOM   94  N NH1 . ARG A 1 11 ? 4.462   1.988   -10.232 1.00 15.07 ? 9   ARG A NH1 1 
ATOM   95  N NH2 . ARG A 1 11 ? 2.253   1.418   -10.771 1.00 15.09 ? 9   ARG A NH2 1 
ATOM   96  N N   . ARG A 1 12 ? 3.520   4.472   -3.556  1.00 20.66 ? 10  ARG A N   1 
ATOM   97  C CA  . ARG A 1 12 ? 2.558   5.528   -3.235  1.00 19.98 ? 10  ARG A CA  1 
ATOM   98  C C   . ARG A 1 12 ? 3.151   6.889   -3.631  1.00 20.95 ? 10  ARG A C   1 
ATOM   99  O O   . ARG A 1 12 ? 2.519   7.729   -4.306  1.00 20.87 ? 10  ARG A O   1 
ATOM   100 C CB  . ARG A 1 12 ? 2.169   5.562   -1.742  1.00 17.85 ? 10  ARG A CB  1 
ATOM   101 C CG  . ARG A 1 12 ? 1.311   6.791   -1.432  1.00 17.18 ? 10  ARG A CG  1 
ATOM   102 C CD  . ARG A 1 12 ? 0.621   6.720   -0.111  1.00 16.50 ? 10  ARG A CD  1 
ATOM   103 N NE  . ARG A 1 12 ? 1.593   6.649   0.972   1.00 16.15 ? 10  ARG A NE  1 
ATOM   104 C CZ  . ARG A 1 12 ? 2.339   7.710   1.311   1.00 16.48 ? 10  ARG A CZ  1 
ATOM   105 N NH1 . ARG A 1 12 ? 2.235   8.882   0.675   1.00 15.40 ? 10  ARG A NH1 1 
ATOM   106 N NH2 . ARG A 1 12 ? 3.185   7.552   2.336   1.00 16.97 ? 10  ARG A NH2 1 
ATOM   107 N N   . ILE A 1 13 ? 4.375   7.090   -3.179  1.00 21.45 ? 11  ILE A N   1 
ATOM   108 C CA  . ILE A 1 13 ? 5.119   8.325   -3.419  1.00 23.05 ? 11  ILE A CA  1 
ATOM   109 C C   . ILE A 1 13 ? 5.524   8.505   -4.874  1.00 23.79 ? 11  ILE A C   1 
ATOM   110 O O   . ILE A 1 13 ? 5.621   9.672   -5.298  1.00 26.00 ? 11  ILE A O   1 
ATOM   111 C CB  . ILE A 1 13 ? 6.331   8.474   -2.438  1.00 23.74 ? 11  ILE A CB  1 
ATOM   112 C CG1 . ILE A 1 13 ? 5.817   8.837   -1.028  1.00 23.22 ? 11  ILE A CG1 1 
ATOM   113 C CG2 . ILE A 1 13 ? 7.350   9.500   -3.008  1.00 24.39 ? 11  ILE A CG2 1 
ATOM   114 C CD1 . ILE A 1 13 ? 6.908   9.045   0.043   1.00 24.11 ? 11  ILE A CD1 1 
ATOM   115 N N   . ALA A 1 14 ? 5.737   7.431   -5.590  1.00 23.12 ? 12  ALA A N   1 
ATOM   116 C CA  . ALA A 1 14 ? 6.102   7.473   -7.016  1.00 22.68 ? 12  ALA A CA  1 
ATOM   117 C C   . ALA A 1 14 ? 4.911   7.978   -7.814  1.00 23.41 ? 12  ALA A C   1 
ATOM   118 O O   . ALA A 1 14 ? 4.979   8.686   -8.825  1.00 25.21 ? 12  ALA A O   1 
ATOM   119 C CB  . ALA A 1 14 ? 6.571   6.091   -7.422  1.00 22.06 ? 12  ALA A CB  1 
ATOM   120 N N   . LEU A 1 15 ? 3.725   7.643   -7.356  1.00 23.70 ? 13  LEU A N   1 
ATOM   121 C CA  . LEU A 1 15 ? 2.444   8.012   -7.942  1.00 22.78 ? 13  LEU A CA  1 
ATOM   122 C C   . LEU A 1 15 ? 1.962   9.352   -7.425  1.00 23.01 ? 13  LEU A C   1 
ATOM   123 O O   . LEU A 1 15 ? 0.808   9.691   -7.696  1.00 23.70 ? 13  LEU A O   1 
ATOM   124 C CB  . LEU A 1 15 ? 1.446   6.869   -7.674  1.00 22.11 ? 13  LEU A CB  1 
ATOM   125 C CG  . LEU A 1 15 ? 1.286   5.890   -8.832  1.00 21.24 ? 13  LEU A CG  1 
ATOM   126 C CD1 . LEU A 1 15 ? 2.664   5.389   -9.248  1.00 20.87 ? 13  LEU A CD1 1 
ATOM   127 C CD2 . LEU A 1 15 ? 0.368   4.771   -8.352  1.00 20.79 ? 13  LEU A CD2 1 
ATOM   128 N N   . LYS A 1 16 ? 2.808   10.043  -6.704  1.00 24.03 ? 14  LYS A N   1 
ATOM   129 C CA  . LYS A 1 16 ? 2.519   11.358  -6.127  1.00 23.85 ? 14  LYS A CA  1 
ATOM   130 C C   . LYS A 1 16 ? 1.257   11.376  -5.294  1.00 23.23 ? 14  LYS A C   1 
ATOM   131 O O   . LYS A 1 16 ? 0.508   12.345  -5.482  1.00 24.24 ? 14  LYS A O   1 
ATOM   132 C CB  . LYS A 1 16 ? 2.347   12.428  -7.212  1.00 25.19 ? 14  LYS A CB  1 
ATOM   133 C CG  . LYS A 1 16 ? 3.621   13.215  -7.521  1.00 26.95 ? 14  LYS A CG  1 
ATOM   134 C CD  . LYS A 1 16 ? 4.904   12.392  -7.469  1.00 27.59 ? 14  LYS A CD  1 
ATOM   135 C CE  . LYS A 1 16 ? 5.469   12.209  -8.873  1.00 28.72 ? 14  LYS A CE  1 
ATOM   136 N NZ  . LYS A 1 16 ? 5.571   13.540  -9.538  1.00 29.39 ? 14  LYS A NZ  1 
ATOM   137 N N   . MET A 1 17 ? 1.038   10.400  -4.443  1.00 22.91 ? 15  MET A N   1 
ATOM   138 C CA  . MET A 1 17 ? -0.157  10.348  -3.605  1.00 22.33 ? 15  MET A CA  1 
ATOM   139 C C   . MET A 1 17 ? 0.236   10.439  -2.123  1.00 22.49 ? 15  MET A C   1 
ATOM   140 O O   . MET A 1 17 ? 1.326   10.061  -1.692  1.00 22.00 ? 15  MET A O   1 
ATOM   141 C CB  . MET A 1 17 ? -0.989  9.092   -3.726  1.00 22.64 ? 15  MET A CB  1 
ATOM   142 C CG  . MET A 1 17 ? -1.538  8.737   -5.062  1.00 24.19 ? 15  MET A CG  1 
ATOM   143 S SD  . MET A 1 17 ? -2.510  7.192   -4.831  1.00 24.90 ? 15  MET A SD  1 
ATOM   144 C CE  . MET A 1 17 ? -2.526  6.597   -6.517  1.00 26.00 ? 15  MET A CE  1 
ATOM   145 N N   . THR A 1 18 ? -0.767  10.905  -1.408  1.00 24.08 ? 16  THR A N   1 
ATOM   146 C CA  . THR A 1 18 ? -0.745  11.067  0.058   1.00 25.18 ? 16  THR A CA  1 
ATOM   147 C C   . THR A 1 18 ? -1.394  9.801   0.616   1.00 25.64 ? 16  THR A C   1 
ATOM   148 O O   . THR A 1 18 ? -2.028  9.100   -0.205  1.00 27.17 ? 16  THR A O   1 
ATOM   149 C CB  . THR A 1 18 ? -1.484  12.373  0.536   1.00 24.68 ? 16  THR A CB  1 
ATOM   150 O OG1 . THR A 1 18 ? -2.841  12.244  -0.001  1.00 24.70 ? 16  THR A OG1 1 
ATOM   151 C CG2 . THR A 1 18 ? -0.775  13.654  0.098   1.00 23.86 ? 16  THR A CG2 1 
ATOM   152 N N   . GLN A 1 19 ? -1.249  9.530   1.890   1.00 25.17 ? 17  GLN A N   1 
ATOM   153 C CA  . GLN A 1 19 ? -1.837  8.325   2.495   1.00 25.59 ? 17  GLN A CA  1 
ATOM   154 C C   . GLN A 1 19 ? -3.365  8.369   2.461   1.00 25.94 ? 17  GLN A C   1 
ATOM   155 O O   . GLN A 1 19 ? -4.045  7.329   2.430   1.00 25.91 ? 17  GLN A O   1 
ATOM   156 C CB  . GLN A 1 19 ? -1.360  8.144   3.936   1.00 25.92 ? 17  GLN A CB  1 
ATOM   157 C CG  . GLN A 1 19 ? 0.116   7.840   4.039   1.00 27.15 ? 17  GLN A CG  1 
ATOM   158 C CD  . GLN A 1 19 ? 0.588   7.978   5.468   1.00 28.44 ? 17  GLN A CD  1 
ATOM   159 O OE1 . GLN A 1 19 ? 0.033   8.806   6.186   1.00 29.80 ? 17  GLN A OE1 1 
ATOM   160 N NE2 . GLN A 1 19 ? 1.570   7.169   5.841   1.00 28.48 ? 17  GLN A NE2 1 
ATOM   161 N N   . THR A 1 20 ? -3.854  9.599   2.507   1.00 25.58 ? 18  THR A N   1 
ATOM   162 C CA  . THR A 1 20 ? -5.265  9.963   2.502   1.00 24.42 ? 18  THR A CA  1 
ATOM   163 C C   . THR A 1 20 ? -5.895  9.694   1.149   1.00 23.30 ? 18  THR A C   1 
ATOM   164 O O   . THR A 1 20 ? -6.993  9.114   1.107   1.00 22.53 ? 18  THR A O   1 
ATOM   165 C CB  . THR A 1 20 ? -5.430  11.474  2.940   1.00 25.52 ? 18  THR A CB  1 
ATOM   166 O OG1 . THR A 1 20 ? -4.959  11.468  4.330   1.00 26.15 ? 18  THR A OG1 1 
ATOM   167 C CG2 . THR A 1 20 ? -6.840  12.032  2.748   1.00 25.51 ? 18  THR A CG2 1 
ATOM   168 N N   . GLU A 1 21 ? -5.174  10.103  0.117   1.00 22.75 ? 19  GLU A N   1 
ATOM   169 C CA  . GLU A 1 21 ? -5.654  9.865   -1.243  1.00 24.16 ? 19  GLU A CA  1 
ATOM   170 C C   . GLU A 1 21 ? -5.580  8.370   -1.531  1.00 23.66 ? 19  GLU A C   1 
ATOM   171 O O   . GLU A 1 21 ? -6.474  7.850   -2.225  1.00 25.13 ? 19  GLU A O   1 
ATOM   172 C CB  . GLU A 1 21 ? -4.864  10.635  -2.291  1.00 27.04 ? 19  GLU A CB  1 
ATOM   173 C CG  . GLU A 1 21 ? -4.853  12.144  -2.146  1.00 30.79 ? 19  GLU A CG  1 
ATOM   174 C CD  . GLU A 1 21 ? -3.891  12.943  -2.970  1.00 32.96 ? 19  GLU A CD  1 
ATOM   175 O OE1 . GLU A 1 21 ? -3.465  12.603  -4.052  1.00 33.86 ? 19  GLU A OE1 1 
ATOM   176 O OE2 . GLU A 1 21 ? -3.597  14.029  -2.420  1.00 34.62 ? 19  GLU A OE2 1 
ATOM   177 N N   . LEU A 1 22 ? -4.554  7.694   -1.041  1.00 22.35 ? 20  LEU A N   1 
ATOM   178 C CA  . LEU A 1 22 ? -4.412  6.247   -1.276  1.00 21.67 ? 20  LEU A CA  1 
ATOM   179 C C   . LEU A 1 22 ? -5.665  5.613   -0.656  1.00 22.63 ? 20  LEU A C   1 
ATOM   180 O O   . LEU A 1 22 ? -6.394  4.865   -1.319  1.00 25.06 ? 20  LEU A O   1 
ATOM   181 C CB  . LEU A 1 22 ? -3.109  5.687   -0.716  1.00 20.62 ? 20  LEU A CB  1 
ATOM   182 C CG  . LEU A 1 22 ? -2.523  4.396   -1.275  1.00 19.69 ? 20  LEU A CG  1 
ATOM   183 C CD1 . LEU A 1 22 ? -1.750  3.595   -0.230  1.00 18.37 ? 20  LEU A CD1 1 
ATOM   184 C CD2 . LEU A 1 22 ? -3.593  3.509   -1.894  1.00 19.06 ? 20  LEU A CD2 1 
ATOM   185 N N   . ALA A 1 23 ? -5.902  5.955   0.596   1.00 21.48 ? 21  ALA A N   1 
ATOM   186 C CA  . ALA A 1 23 ? -7.028  5.473   1.386   1.00 20.14 ? 21  ALA A CA  1 
ATOM   187 C C   . ALA A 1 23 ? -8.354  5.697   0.684   1.00 19.59 ? 21  ALA A C   1 
ATOM   188 O O   . ALA A 1 23 ? -9.118  4.727   0.605   1.00 20.39 ? 21  ALA A O   1 
ATOM   189 C CB  . ALA A 1 23 ? -7.022  6.126   2.759   1.00 20.85 ? 21  ALA A CB  1 
ATOM   190 N N   . THR A 1 24 ? -8.635  6.881   0.212   1.00 19.34 ? 22  THR A N   1 
ATOM   191 C CA  . THR A 1 24 ? -9.891  7.206   -0.482  1.00 20.31 ? 22  THR A CA  1 
ATOM   192 C C   . THR A 1 24 ? -10.072 6.307   -1.698  1.00 21.43 ? 22  THR A C   1 
ATOM   193 O O   . THR A 1 24 ? -11.081 5.596   -1.764  1.00 22.95 ? 22  THR A O   1 
ATOM   194 C CB  . THR A 1 24 ? -10.044 8.724   -0.880  1.00 20.05 ? 22  THR A CB  1 
ATOM   195 O OG1 . THR A 1 24 ? -10.033 9.478   0.370   1.00 19.49 ? 22  THR A OG1 1 
ATOM   196 C CG2 . THR A 1 24 ? -11.287 9.070   -1.698  1.00 19.69 ? 22  THR A CG2 1 
ATOM   197 N N   . LYS A 1 25 ? -9.132  6.318   -2.612  1.00 21.68 ? 23  LYS A N   1 
ATOM   198 C CA  . LYS A 1 25 ? -9.124  5.519   -3.837  1.00 21.43 ? 23  LYS A CA  1 
ATOM   199 C C   . LYS A 1 25 ? -9.219  4.012   -3.675  1.00 21.55 ? 23  LYS A C   1 
ATOM   200 O O   . LYS A 1 25 ? -9.714  3.307   -4.585  1.00 22.07 ? 23  LYS A O   1 
ATOM   201 C CB  . LYS A 1 25 ? -7.822  5.782   -4.617  1.00 21.60 ? 23  LYS A CB  1 
ATOM   202 C CG  . LYS A 1 25 ? -7.717  7.242   -5.070  1.00 23.08 ? 23  LYS A CG  1 
ATOM   203 C CD  . LYS A 1 25 ? -6.714  7.335   -6.215  1.00 24.84 ? 23  LYS A CD  1 
ATOM   204 C CE  . LYS A 1 25 ? -6.820  8.669   -6.927  1.00 26.44 ? 23  LYS A CE  1 
ATOM   205 N NZ  . LYS A 1 25 ? -5.673  9.543   -6.549  1.00 28.29 ? 23  LYS A NZ  1 
ATOM   206 N N   . ALA A 1 26 ? -8.750  3.505   -2.553  1.00 21.44 ? 24  ALA A N   1 
ATOM   207 C CA  . ALA A 1 26 ? -8.743  2.068   -2.247  1.00 21.22 ? 24  ALA A CA  1 
ATOM   208 C C   . ALA A 1 26 ? -9.971  1.704   -1.430  1.00 22.83 ? 24  ALA A C   1 
ATOM   209 O O   . ALA A 1 26 ? -10.386 0.541   -1.371  1.00 24.01 ? 24  ALA A O   1 
ATOM   210 C CB  . ALA A 1 26 ? -7.449  1.708   -1.529  1.00 20.24 ? 24  ALA A CB  1 
ATOM   211 N N   . GLY A 1 27 ? -10.538 2.715   -0.807  1.00 24.44 ? 25  GLY A N   1 
ATOM   212 C CA  . GLY A 1 27 ? -11.729 2.578   0.026   1.00 26.73 ? 25  GLY A CA  1 
ATOM   213 C C   . GLY A 1 27 ? -11.448 1.931   1.369   1.00 28.42 ? 25  GLY A C   1 
ATOM   214 O O   . GLY A 1 27 ? -12.298 1.150   1.817   1.00 29.73 ? 25  GLY A O   1 
ATOM   215 N N   . VAL A 1 28 ? -10.329 2.229   1.994   1.00 29.86 ? 26  VAL A N   1 
ATOM   216 C CA  . VAL A 1 28 ? -9.968  1.689   3.306   1.00 31.53 ? 26  VAL A CA  1 
ATOM   217 C C   . VAL A 1 28 ? -9.663  2.881   4.225   1.00 33.72 ? 26  VAL A C   1 
ATOM   218 O O   . VAL A 1 28 ? -9.627  4.035   3.784   1.00 34.40 ? 26  VAL A O   1 
ATOM   219 C CB  . VAL A 1 28 ? -8.851  0.641   3.287   1.00 30.97 ? 26  VAL A CB  1 
ATOM   220 C CG1 . VAL A 1 28 ? -9.194  -0.598  2.468   1.00 30.91 ? 26  VAL A CG1 1 
ATOM   221 C CG2 . VAL A 1 28 ? -7.517  1.215   2.851   1.00 30.81 ? 26  VAL A CG2 1 
ATOM   222 N N   . LYS A 1 29 ? -9.463  2.568   5.487   1.00 35.98 ? 27  LYS A N   1 
ATOM   223 C CA  . LYS A 1 29 ? -9.163  3.570   6.511   1.00 38.04 ? 27  LYS A CA  1 
ATOM   224 C C   . LYS A 1 29 ? -7.717  4.040   6.355   1.00 38.11 ? 27  LYS A C   1 
ATOM   225 O O   . LYS A 1 29 ? -6.785  3.245   6.164   1.00 38.16 ? 27  LYS A O   1 
ATOM   226 C CB  . LYS A 1 29 ? -9.322  3.027   7.927   1.00 39.93 ? 27  LYS A CB  1 
ATOM   227 C CG  . LYS A 1 29 ? -10.704 2.528   8.330   1.00 41.83 ? 27  LYS A CG  1 
ATOM   228 C CD  . LYS A 1 29 ? -10.613 1.618   9.557   1.00 43.17 ? 27  LYS A CD  1 
ATOM   229 C CE  . LYS A 1 29 ? -11.962 1.019   9.903   1.00 44.16 ? 27  LYS A CE  1 
ATOM   230 N NZ  . LYS A 1 29 ? -11.793 -0.150  10.808  1.00 44.89 ? 27  LYS A NZ  1 
ATOM   231 N N   . GLN A 1 30 ? -7.563  5.333   6.506   1.00 38.39 ? 28  GLN A N   1 
ATOM   232 C CA  . GLN A 1 30 ? -6.241  5.975   6.417   1.00 39.41 ? 28  GLN A CA  1 
ATOM   233 C C   . GLN A 1 30 ? -5.295  5.468   7.505   1.00 39.49 ? 28  GLN A C   1 
ATOM   234 O O   . GLN A 1 30 ? -4.062  5.515   7.343   1.00 39.84 ? 28  GLN A O   1 
ATOM   235 C CB  . GLN A 1 30 ? -6.423  7.482   6.390   1.00 40.14 ? 28  GLN A CB  1 
ATOM   236 C CG  . GLN A 1 30 ? -5.296  8.136   5.607   1.00 41.80 ? 28  GLN A CG  1 
ATOM   237 C CD  . GLN A 1 30 ? -4.353  8.785   6.598   1.00 42.92 ? 28  GLN A CD  1 
ATOM   238 O OE1 . GLN A 1 30 ? -3.768  8.033   7.368   1.00 44.06 ? 28  GLN A OE1 1 
ATOM   239 N NE2 . GLN A 1 30 ? -4.300  10.109  6.509   1.00 42.89 ? 28  GLN A NE2 1 
ATOM   240 N N   . GLN A 1 31 ? -5.842  4.968   8.592   1.00 39.12 ? 29  GLN A N   1 
ATOM   241 C CA  . GLN A 1 31 ? -5.119  4.414   9.733   1.00 38.94 ? 29  GLN A CA  1 
ATOM   242 C C   . GLN A 1 31 ? -4.634  3.014   9.343   1.00 38.27 ? 29  GLN A C   1 
ATOM   243 O O   . GLN A 1 31 ? -3.782  2.440   10.037  1.00 39.14 ? 29  GLN A O   1 
ATOM   244 C CB  . GLN A 1 31 ? -5.948  4.331   11.023  1.00 40.19 ? 29  GLN A CB  1 
ATOM   245 C CG  . GLN A 1 31 ? -5.306  3.437   12.068  1.00 41.99 ? 29  GLN A CG  1 
ATOM   246 C CD  . GLN A 1 31 ? -6.026  3.286   13.385  1.00 43.11 ? 29  GLN A CD  1 
ATOM   247 O OE1 . GLN A 1 31 ? -7.099  2.690   13.512  1.00 43.61 ? 29  GLN A OE1 1 
ATOM   248 N NE2 . GLN A 1 31 ? -5.412  3.842   14.435  1.00 43.38 ? 29  GLN A NE2 1 
ATOM   249 N N   . SER A 1 32 ? -5.194  2.500   8.257   1.00 36.56 ? 30  SER A N   1 
ATOM   250 C CA  . SER A 1 32 ? -4.837  1.174   7.743   1.00 34.65 ? 30  SER A CA  1 
ATOM   251 C C   . SER A 1 32 ? -3.540  1.252   6.941   1.00 32.36 ? 30  SER A C   1 
ATOM   252 O O   . SER A 1 32 ? -2.767  0.279   6.964   1.00 32.71 ? 30  SER A O   1 
ATOM   253 C CB  . SER A 1 32 ? -5.923  0.536   6.889   1.00 35.56 ? 30  SER A CB  1 
ATOM   254 O OG  . SER A 1 32 ? -6.892  -0.091  7.708   1.00 36.83 ? 30  SER A OG  1 
ATOM   255 N N   . ILE A 1 33 ? -3.362  2.368   6.275   1.00 29.69 ? 31  ILE A N   1 
ATOM   256 C CA  . ILE A 1 33 ? -2.176  2.621   5.452   1.00 28.78 ? 31  ILE A CA  1 
ATOM   257 C C   . ILE A 1 33 ? -0.931  2.888   6.303   1.00 29.23 ? 31  ILE A C   1 
ATOM   258 O O   . ILE A 1 33 ? 0.160   2.341   6.078   1.00 27.89 ? 31  ILE A O   1 
ATOM   259 C CB  . ILE A 1 33 ? -2.447  3.786   4.431   1.00 27.28 ? 31  ILE A CB  1 
ATOM   260 C CG1 . ILE A 1 33 ? -3.731  3.527   3.608   1.00 25.42 ? 31  ILE A CG1 1 
ATOM   261 C CG2 . ILE A 1 33 ? -1.188  4.019   3.555   1.00 27.14 ? 31  ILE A CG2 1 
ATOM   262 C CD1 . ILE A 1 33 ? -3.662  2.459   2.505   1.00 23.83 ? 31  ILE A CD1 1 
ATOM   263 N N   . GLN A 1 34 ? -1.106  3.748   7.290   1.00 30.95 ? 32  GLN A N   1 
ATOM   264 C CA  . GLN A 1 34 ? -0.057  4.147   8.241   1.00 32.06 ? 32  GLN A CA  1 
ATOM   265 C C   . GLN A 1 34 ? 0.523   2.889   8.889   1.00 32.14 ? 32  GLN A C   1 
ATOM   266 O O   . GLN A 1 34 ? 1.755   2.756   8.915   1.00 33.98 ? 32  GLN A O   1 
ATOM   267 C CB  . GLN A 1 34 ? -0.541  5.101   9.317   1.00 33.32 ? 32  GLN A CB  1 
ATOM   268 C CG  . GLN A 1 34 ? -1.428  6.220   8.796   1.00 35.25 ? 32  GLN A CG  1 
ATOM   269 C CD  . GLN A 1 34 ? -1.860  7.125   9.935   1.00 36.70 ? 32  GLN A CD  1 
ATOM   270 O OE1 . GLN A 1 34 ? -2.623  6.729   10.819  1.00 37.58 ? 32  GLN A OE1 1 
ATOM   271 N NE2 . GLN A 1 34 ? -1.329  8.344   9.891   1.00 36.93 ? 32  GLN A NE2 1 
ATOM   272 N N   . LEU A 1 35 ? -0.340  2.020   9.365   1.00 30.84 ? 33  LEU A N   1 
ATOM   273 C CA  . LEU A 1 35 ? 0.035   0.759   10.005  1.00 30.28 ? 33  LEU A CA  1 
ATOM   274 C C   . LEU A 1 35 ? 0.835   -0.146  9.060   1.00 29.86 ? 33  LEU A C   1 
ATOM   275 O O   . LEU A 1 35 ? 1.783   -0.861  9.455   1.00 28.77 ? 33  LEU A O   1 
ATOM   276 C CB  . LEU A 1 35 ? -1.267  0.143   10.519  1.00 30.99 ? 33  LEU A CB  1 
ATOM   277 C CG  . LEU A 1 35 ? -1.955  0.765   11.722  1.00 31.61 ? 33  LEU A CG  1 
ATOM   278 C CD1 . LEU A 1 35 ? -3.136  -0.101  12.163  1.00 31.57 ? 33  LEU A CD1 1 
ATOM   279 C CD2 . LEU A 1 35 ? -0.954  0.896   12.872  1.00 31.81 ? 33  LEU A CD2 1 
ATOM   280 N N   . ILE A 1 36 ? 0.430   -0.129  7.791   1.00 29.26 ? 34  ILE A N   1 
ATOM   281 C CA  . ILE A 1 36 ? 1.120   -0.938  6.784   1.00 28.68 ? 34  ILE A CA  1 
ATOM   282 C C   . ILE A 1 36 ? 2.480   -0.265  6.530   1.00 29.01 ? 34  ILE A C   1 
ATOM   283 O O   . ILE A 1 36 ? 3.519   -0.948  6.559   1.00 28.57 ? 34  ILE A O   1 
ATOM   284 C CB  . ILE A 1 36 ? 0.331   -1.175  5.455   1.00 28.09 ? 34  ILE A CB  1 
ATOM   285 C CG1 . ILE A 1 36 ? -1.063  -1.815  5.662   1.00 26.87 ? 34  ILE A CG1 1 
ATOM   286 C CG2 . ILE A 1 36 ? 1.140   -2.046  4.439   1.00 28.13 ? 34  ILE A CG2 1 
ATOM   287 C CD1 . ILE A 1 36 ? -2.000  -1.641  4.430   1.00 25.96 ? 34  ILE A CD1 1 
ATOM   288 N N   . GLU A 1 37 ? 2.428   1.038   6.287   1.00 29.74 ? 35  GLU A N   1 
ATOM   289 C CA  . GLU A 1 37 ? 3.677   1.773   6.000   1.00 31.55 ? 35  GLU A CA  1 
ATOM   290 C C   . GLU A 1 37 ? 4.608   1.805   7.203   1.00 33.08 ? 35  GLU A C   1 
ATOM   291 O O   . GLU A 1 37 ? 5.847   1.809   7.011   1.00 34.39 ? 35  GLU A O   1 
ATOM   292 C CB  . GLU A 1 37 ? 3.458   3.154   5.401   1.00 30.84 ? 35  GLU A CB  1 
ATOM   293 C CG  . GLU A 1 37 ? 2.849   3.217   3.998   1.00 30.28 ? 35  GLU A CG  1 
ATOM   294 C CD  . GLU A 1 37 ? 2.724   4.569   3.369   1.00 30.19 ? 35  GLU A CD  1 
ATOM   295 O OE1 . GLU A 1 37 ? 2.387   4.806   2.222   1.00 29.94 ? 35  GLU A OE1 1 
ATOM   296 O OE2 . GLU A 1 37 ? 3.010   5.514   4.131   1.00 30.58 ? 35  GLU A OE2 1 
ATOM   297 N N   . ALA A 1 38 ? 4.063   1.797   8.408   1.00 33.33 ? 36  ALA A N   1 
ATOM   298 C CA  . ALA A 1 38 ? 4.881   1.804   9.628   1.00 33.74 ? 36  ALA A CA  1 
ATOM   299 C C   . ALA A 1 38 ? 5.339   0.388   9.974   1.00 34.64 ? 36  ALA A C   1 
ATOM   300 O O   . ALA A 1 38 ? 5.909   0.165   11.051  1.00 35.72 ? 36  ALA A O   1 
ATOM   301 C CB  . ALA A 1 38 ? 4.134   2.468   10.773  1.00 33.35 ? 36  ALA A CB  1 
ATOM   302 N N   . GLY A 1 39 ? 5.107   -0.574  9.110   1.00 34.88 ? 37  GLY A N   1 
ATOM   303 C CA  . GLY A 1 39 ? 5.464   -1.963  9.225   1.00 35.71 ? 37  GLY A CA  1 
ATOM   304 C C   . GLY A 1 39 ? 4.755   -2.816  10.249  1.00 37.22 ? 37  GLY A C   1 
ATOM   305 O O   . GLY A 1 39 ? 5.220   -3.955  10.480  1.00 37.82 ? 37  GLY A O   1 
ATOM   306 N N   . VAL A 1 40 ? 3.676   -2.335  10.841  1.00 38.11 ? 38  VAL A N   1 
ATOM   307 C CA  . VAL A 1 40 ? 2.890   -3.072  11.854  1.00 37.93 ? 38  VAL A CA  1 
ATOM   308 C C   . VAL A 1 40 ? 2.115   -4.209  11.192  1.00 38.81 ? 38  VAL A C   1 
ATOM   309 O O   . VAL A 1 40 ? 2.276   -5.389  11.560  1.00 39.30 ? 38  VAL A O   1 
ATOM   310 C CB  . VAL A 1 40 ? 1.998   -2.098  12.640  1.00 37.06 ? 38  VAL A CB  1 
ATOM   311 C CG1 . VAL A 1 40 ? 0.974   -2.755  13.542  1.00 36.44 ? 38  VAL A CG1 1 
ATOM   312 C CG2 . VAL A 1 40 ? 2.815   -1.109  13.447  1.00 37.31 ? 38  VAL A CG2 1 
ATOM   313 N N   . THR A 1 41 ? 1.305   -3.853  10.210  1.00 39.36 ? 39  THR A N   1 
ATOM   314 C CA  . THR A 1 41 ? 0.501   -4.852  9.481   1.00 40.66 ? 39  THR A CA  1 
ATOM   315 C C   . THR A 1 41 ? 1.296   -5.435  8.319   1.00 41.67 ? 39  THR A C   1 
ATOM   316 O O   . THR A 1 41 ? 1.561   -4.826  7.271   1.00 41.68 ? 39  THR A O   1 
ATOM   317 C CB  . THR A 1 41 ? -0.877  -4.206  9.080   1.00 40.83 ? 39  THR A CB  1 
ATOM   318 O OG1 . THR A 1 41 ? -0.989  -3.077  10.013  1.00 41.33 ? 39  THR A OG1 1 
ATOM   319 C CG2 . THR A 1 41 ? -2.092  -5.122  9.205   1.00 40.74 ? 39  THR A CG2 1 
ATOM   320 N N   . LYS A 1 42 ? 1.680   -6.677  8.526   1.00 43.03 ? 40  LYS A N   1 
ATOM   321 C CA  . LYS A 1 42 ? 2.461   -7.499  7.611   1.00 44.55 ? 40  LYS A CA  1 
ATOM   322 C C   . LYS A 1 42 ? 1.562   -8.133  6.549   1.00 44.72 ? 40  LYS A C   1 
ATOM   323 O O   . LYS A 1 42 ? 2.021   -8.263  5.399   1.00 45.19 ? 40  LYS A O   1 
ATOM   324 C CB  . LYS A 1 42 ? 3.238   -8.607  8.302   1.00 45.86 ? 40  LYS A CB  1 
ATOM   325 C CG  . LYS A 1 42 ? 3.999   -8.307  9.580   1.00 47.04 ? 40  LYS A CG  1 
ATOM   326 C CD  . LYS A 1 42 ? 4.974   -7.157  9.503   1.00 48.03 ? 40  LYS A CD  1 
ATOM   327 C CE  . LYS A 1 42 ? 5.512   -6.911  8.110   1.00 49.06 ? 40  LYS A CE  1 
ATOM   328 N NZ  . LYS A 1 42 ? 5.723   -8.192  7.382   1.00 49.71 ? 40  LYS A NZ  1 
ATOM   329 N N   . ARG A 1 43 ? 0.365   -8.507  6.949   1.00 44.60 ? 41  ARG A N   1 
ATOM   330 C CA  . ARG A 1 43 ? -0.594  -9.127  6.021   1.00 45.52 ? 41  ARG A CA  1 
ATOM   331 C C   . ARG A 1 43 ? -1.872  -8.298  5.938   1.00 44.41 ? 41  ARG A C   1 
ATOM   332 O O   . ARG A 1 43 ? -2.816  -8.578  6.697   1.00 45.49 ? 41  ARG A O   1 
ATOM   333 C CB  . ARG A 1 43 ? -0.933  -10.565 6.432   1.00 47.43 ? 41  ARG A CB  1 
ATOM   334 C CG  . ARG A 1 43 ? -1.587  -10.690 7.806   1.00 49.52 ? 41  ARG A CG  1 
ATOM   335 C CD  . ARG A 1 43 ? -0.794  -10.001 8.870   1.00 51.09 ? 41  ARG A CD  1 
ATOM   336 N NE  . ARG A 1 43 ? -1.629  -9.104  9.656   1.00 52.65 ? 41  ARG A NE  1 
ATOM   337 C CZ  . ARG A 1 43 ? -1.188  -8.334  10.654  1.00 53.76 ? 41  ARG A CZ  1 
ATOM   338 N NH1 . ARG A 1 43 ? -2.023  -7.508  11.295  1.00 54.18 ? 41  ARG A NH1 1 
ATOM   339 N NH2 . ARG A 1 43 ? 0.101   -8.390  11.002  1.00 54.14 ? 41  ARG A NH2 1 
ATOM   340 N N   . PRO A 1 44 ? -1.874  -7.306  5.059   1.00 42.42 ? 42  PRO A N   1 
ATOM   341 C CA  . PRO A 1 44 ? -3.030  -6.433  4.879   1.00 41.54 ? 42  PRO A CA  1 
ATOM   342 C C   . PRO A 1 44 ? -4.280  -7.146  4.376   1.00 41.09 ? 42  PRO A C   1 
ATOM   343 O O   . PRO A 1 44 ? -4.265  -8.006  3.477   1.00 40.47 ? 42  PRO A O   1 
ATOM   344 C CB  . PRO A 1 44 ? -2.545  -5.359  3.916   1.00 41.61 ? 42  PRO A CB  1 
ATOM   345 C CG  . PRO A 1 44 ? -1.277  -5.852  3.301   1.00 41.56 ? 42  PRO A CG  1 
ATOM   346 C CD  . PRO A 1 44 ? -0.755  -6.966  4.173   1.00 41.71 ? 42  PRO A CD  1 
ATOM   347 N N   . ARG A 1 45 ? -5.402  -6.763  4.971   1.00 41.01 ? 43  ARG A N   1 
ATOM   348 C CA  . ARG A 1 45 ? -6.716  -7.322  4.624   1.00 41.54 ? 43  ARG A CA  1 
ATOM   349 C C   . ARG A 1 45 ? -7.135  -6.939  3.206   1.00 40.94 ? 43  ARG A C   1 
ATOM   350 O O   . ARG A 1 45 ? -7.531  -7.851  2.449   1.00 42.01 ? 43  ARG A O   1 
ATOM   351 C CB  . ARG A 1 45 ? -7.779  -6.915  5.637   1.00 42.94 ? 43  ARG A CB  1 
ATOM   352 C CG  . ARG A 1 45 ? -9.076  -7.715  5.584   1.00 44.27 ? 43  ARG A CG  1 
ATOM   353 C CD  . ARG A 1 45 ? -9.643  -7.840  6.970   1.00 45.39 ? 43  ARG A CD  1 
ATOM   354 N NE  . ARG A 1 45 ? -10.567 -6.751  7.245   1.00 46.15 ? 43  ARG A NE  1 
ATOM   355 C CZ  . ARG A 1 45 ? -11.796 -6.822  6.714   1.00 47.33 ? 43  ARG A CZ  1 
ATOM   356 N NH1 . ARG A 1 45 ? -12.170 -7.880  5.993   1.00 47.42 ? 43  ARG A NH1 1 
ATOM   357 N NH2 . ARG A 1 45 ? -12.618 -5.790  6.903   1.00 48.13 ? 43  ARG A NH2 1 
ATOM   358 N N   . PHE A 1 46 ? -7.044  -5.666  2.852   1.00 38.83 ? 44  PHE A N   1 
ATOM   359 C CA  . PHE A 1 46 ? -7.426  -5.218  1.498   1.00 36.87 ? 44  PHE A CA  1 
ATOM   360 C C   . PHE A 1 46 ? -6.237  -4.979  0.565   1.00 33.87 ? 44  PHE A C   1 
ATOM   361 O O   . PHE A 1 46 ? -6.237  -3.916  -0.098  1.00 34.99 ? 44  PHE A O   1 
ATOM   362 C CB  . PHE A 1 46 ? -8.295  -3.958  1.593   1.00 38.20 ? 44  PHE A CB  1 
ATOM   363 C CG  . PHE A 1 46 ? -9.465  -4.123  2.519   1.00 39.85 ? 44  PHE A CG  1 
ATOM   364 C CD1 . PHE A 1 46 ? -10.650 -4.700  2.044   1.00 40.48 ? 44  PHE A CD1 1 
ATOM   365 C CD2 . PHE A 1 46 ? -9.375  -3.719  3.848   1.00 40.37 ? 44  PHE A CD2 1 
ATOM   366 C CE1 . PHE A 1 46 ? -11.734 -4.867  2.892   1.00 41.07 ? 44  PHE A CE1 1 
ATOM   367 C CE2 . PHE A 1 46 ? -10.462 -3.875  4.717   1.00 40.87 ? 44  PHE A CE2 1 
ATOM   368 C CZ  . PHE A 1 46 ? -11.643 -4.456  4.229   1.00 41.13 ? 44  PHE A CZ  1 
ATOM   369 N N   . LEU A 1 47 ? -5.289  -5.879  0.480   1.00 29.15 ? 45  LEU A N   1 
ATOM   370 C CA  . LEU A 1 47 ? -4.120  -5.734  -0.360  1.00 26.95 ? 45  LEU A CA  1 
ATOM   371 C C   . LEU A 1 47 ? -4.465  -5.532  -1.838  1.00 25.60 ? 45  LEU A C   1 
ATOM   372 O O   . LEU A 1 47 ? -3.811  -4.756  -2.561  1.00 24.76 ? 45  LEU A O   1 
ATOM   373 C CB  . LEU A 1 47 ? -3.166  -6.942  -0.183  1.00 26.71 ? 45  LEU A CB  1 
ATOM   374 C CG  . LEU A 1 47 ? -1.836  -6.739  -0.916  1.00 25.98 ? 45  LEU A CG  1 
ATOM   375 C CD1 . LEU A 1 47 ? -0.874  -5.949  -0.041  1.00 25.61 ? 45  LEU A CD1 1 
ATOM   376 C CD2 . LEU A 1 47 ? -1.241  -8.071  -1.289  1.00 26.38 ? 45  LEU A CD2 1 
ATOM   377 N N   . PHE A 1 48 ? -5.465  -6.267  -2.267  1.00 24.03 ? 46  PHE A N   1 
ATOM   378 C CA  . PHE A 1 48 ? -5.957  -6.233  -3.644  1.00 23.21 ? 46  PHE A CA  1 
ATOM   379 C C   . PHE A 1 48 ? -6.372  -4.822  -4.055  1.00 22.50 ? 46  PHE A C   1 
ATOM   380 O O   . PHE A 1 48 ? -5.906  -4.254  -5.055  1.00 21.16 ? 46  PHE A O   1 
ATOM   381 C CB  . PHE A 1 48 ? -7.097  -7.255  -3.817  1.00 23.99 ? 46  PHE A CB  1 
ATOM   382 C CG  . PHE A 1 48 ? -7.530  -7.289  -5.262  1.00 24.22 ? 46  PHE A CG  1 
ATOM   383 C CD1 . PHE A 1 48 ? -8.656  -6.587  -5.661  1.00 24.10 ? 46  PHE A CD1 1 
ATOM   384 C CD2 . PHE A 1 48 ? -6.765  -7.981  -6.193  1.00 24.76 ? 46  PHE A CD2 1 
ATOM   385 C CE1 . PHE A 1 48 ? -9.044  -6.575  -6.982  1.00 24.58 ? 46  PHE A CE1 1 
ATOM   386 C CE2 . PHE A 1 48 ? -7.130  -7.989  -7.537  1.00 25.41 ? 46  PHE A CE2 1 
ATOM   387 C CZ  . PHE A 1 48 ? -8.288  -7.281  -7.910  1.00 25.56 ? 46  PHE A CZ  1 
ATOM   388 N N   . GLU A 1 49 ? -7.291  -4.254  -3.291  1.00 23.10 ? 47  GLU A N   1 
ATOM   389 C CA  . GLU A 1 49 ? -7.821  -2.902  -3.494  1.00 22.94 ? 47  GLU A CA  1 
ATOM   390 C C   . GLU A 1 49 ? -6.678  -1.881  -3.408  1.00 21.82 ? 47  GLU A C   1 
ATOM   391 O O   . GLU A 1 49 ? -6.648  -0.955  -4.241  1.00 23.06 ? 47  GLU A O   1 
ATOM   392 C CB  . GLU A 1 49 ? -8.858  -2.469  -2.456  1.00 23.89 ? 47  GLU A CB  1 
ATOM   393 C CG  . GLU A 1 49 ? -10.157 -3.254  -2.456  1.00 25.97 ? 47  GLU A CG  1 
ATOM   394 C CD  . GLU A 1 49 ? -10.091 -4.699  -2.094  1.00 27.79 ? 47  GLU A CD  1 
ATOM   395 O OE1 . GLU A 1 49 ? -9.215  -5.258  -1.459  1.00 28.66 ? 47  GLU A OE1 1 
ATOM   396 O OE2 . GLU A 1 49 ? -11.092 -5.314  -2.519  1.00 29.48 ? 47  GLU A OE2 1 
ATOM   397 N N   . ILE A 1 50 ? -5.796  -2.081  -2.438  1.00 18.83 ? 48  ILE A N   1 
ATOM   398 C CA  . ILE A 1 50 ? -4.662  -1.155  -2.282  1.00 17.80 ? 48  ILE A CA  1 
ATOM   399 C C   . ILE A 1 50 ? -3.815  -1.165  -3.537  1.00 16.41 ? 48  ILE A C   1 
ATOM   400 O O   . ILE A 1 50 ? -3.454  -0.090  -4.029  1.00 16.11 ? 48  ILE A O   1 
ATOM   401 C CB  . ILE A 1 50 ? -3.896  -1.396  -0.936  1.00 18.19 ? 48  ILE A CB  1 
ATOM   402 C CG1 . ILE A 1 50 ? -4.872  -0.990  0.202   1.00 17.90 ? 48  ILE A CG1 1 
ATOM   403 C CG2 . ILE A 1 50 ? -2.528  -0.655  -0.878  1.00 16.88 ? 48  ILE A CG2 1 
ATOM   404 C CD1 . ILE A 1 50 ? -4.427  -1.381  1.638   1.00 18.25 ? 48  ILE A CD1 1 
ATOM   405 N N   . ALA A 1 51 ? -3.528  -2.331  -4.060  1.00 16.92 ? 49  ALA A N   1 
ATOM   406 C CA  . ALA A 1 51 ? -2.736  -2.576  -5.271  1.00 15.95 ? 49  ALA A CA  1 
ATOM   407 C C   . ALA A 1 51 ? -3.438  -1.993  -6.492  1.00 17.28 ? 49  ALA A C   1 
ATOM   408 O O   . ALA A 1 51 ? -2.773  -1.436  -7.377  1.00 18.53 ? 49  ALA A O   1 
ATOM   409 C CB  . ALA A 1 51 ? -2.535  -4.059  -5.506  1.00 14.86 ? 49  ALA A CB  1 
ATOM   410 N N   . MET A 1 52 ? -4.761  -2.136  -6.510  1.00 17.73 ? 50  MET A N   1 
ATOM   411 C CA  . MET A 1 52 ? -5.522  -1.585  -7.663  1.00 17.27 ? 50  MET A CA  1 
ATOM   412 C C   . MET A 1 52 ? -5.298  -0.070  -7.676  1.00 16.20 ? 50  MET A C   1 
ATOM   413 O O   . MET A 1 52 ? -4.974  0.469   -8.742  1.00 17.18 ? 50  MET A O   1 
ATOM   414 C CB  . MET A 1 52 ? -6.967  -2.032  -7.670  1.00 17.47 ? 50  MET A CB  1 
ATOM   415 C CG  . MET A 1 52 ? -7.202  -3.479  -7.999  1.00 17.80 ? 50  MET A CG  1 
ATOM   416 S SD  . MET A 1 52 ? -6.534  -3.930  -9.617  1.00 19.39 ? 50  MET A SD  1 
ATOM   417 C CE  . MET A 1 52 ? -4.901  -4.569  -9.188  1.00 19.25 ? 50  MET A CE  1 
ATOM   418 N N   . ALA A 1 53 ? -5.434  0.591   -6.543  1.00 15.09 ? 51  ALA A N   1 
ATOM   419 C CA  . ALA A 1 53 ? -5.220  2.045   -6.454  1.00 15.22 ? 51  ALA A CA  1 
ATOM   420 C C   . ALA A 1 53 ? -3.803  2.480   -6.803  1.00 15.64 ? 51  ALA A C   1 
ATOM   421 O O   . ALA A 1 53 ? -3.605  3.628   -7.256  1.00 15.60 ? 51  ALA A O   1 
ATOM   422 C CB  . ALA A 1 53 ? -5.688  2.554   -5.100  1.00 14.47 ? 51  ALA A CB  1 
ATOM   423 N N   . LEU A 1 54 ? -2.811  1.630   -6.616  1.00 17.03 ? 52  LEU A N   1 
ATOM   424 C CA  . LEU A 1 54 ? -1.396  1.884   -6.915  1.00 16.38 ? 52  LEU A CA  1 
ATOM   425 C C   . LEU A 1 54 ? -0.999  1.368   -8.295  1.00 17.06 ? 52  LEU A C   1 
ATOM   426 O O   . LEU A 1 54 ? 0.193   1.352   -8.663  1.00 17.34 ? 52  LEU A O   1 
ATOM   427 C CB  . LEU A 1 54 ? -0.518  1.309   -5.810  1.00 15.67 ? 52  LEU A CB  1 
ATOM   428 C CG  . LEU A 1 54 ? -0.601  1.903   -4.411  1.00 15.04 ? 52  LEU A CG  1 
ATOM   429 C CD1 . LEU A 1 54 ? 0.291   1.081   -3.477  1.00 14.61 ? 52  LEU A CD1 1 
ATOM   430 C CD2 . LEU A 1 54 ? -0.180  3.357   -4.418  1.00 12.82 ? 52  LEU A CD2 1 
ATOM   431 N N   . ASN A 1 55 ? -1.988  0.960   -9.070  1.00 18.40 ? 53  ASN A N   1 
ATOM   432 C CA  . ASN A 1 55 ? -1.792  0.467   -10.440 1.00 19.89 ? 53  ASN A CA  1 
ATOM   433 C C   . ASN A 1 55 ? -0.620  -0.497  -10.533 1.00 19.82 ? 53  ASN A C   1 
ATOM   434 O O   . ASN A 1 55 ? 0.251   -0.242  -11.356 1.00 20.47 ? 53  ASN A O   1 
ATOM   435 C CB  . ASN A 1 55 ? -1.565  1.647   -11.419 1.00 20.14 ? 53  ASN A CB  1 
ATOM   436 C CG  . ASN A 1 55 ? -2.817  2.485   -11.536 1.00 20.77 ? 53  ASN A CG  1 
ATOM   437 O OD1 . ASN A 1 55 ? -2.791  3.706   -11.636 1.00 22.69 ? 53  ASN A OD1 1 
ATOM   438 N ND2 . ASN A 1 55 ? -3.987  1.865   -11.500 1.00 21.39 ? 53  ASN A ND2 1 
ATOM   439 N N   . CYS A 1 56 ? -0.622  -1.533  -9.733  1.00 20.62 ? 54  CYS A N   1 
ATOM   440 C CA  . CYS A 1 56 ? 0.467   -2.530  -9.705  1.00 19.77 ? 54  CYS A CA  1 
ATOM   441 C C   . CYS A 1 56 ? -0.130  -3.910  -9.418  1.00 20.06 ? 54  CYS A C   1 
ATOM   442 O O   . CYS A 1 56 ? -1.324  -4.053  -9.131  1.00 18.83 ? 54  CYS A O   1 
ATOM   443 C CB  . CYS A 1 56 ? 1.543   -2.147  -8.677  1.00 17.46 ? 54  CYS A CB  1 
ATOM   444 S SG  . CYS A 1 56 ? 1.026   -2.237  -6.947  1.00 14.19 ? 54  CYS A SG  1 
ATOM   445 N N   . ASP A 1 57 ? 0.730   -4.895  -9.503  1.00 22.05 ? 55  ASP A N   1 
ATOM   446 C CA  . ASP A 1 57 ? 0.360   -6.299  -9.261  1.00 24.25 ? 55  ASP A CA  1 
ATOM   447 C C   . ASP A 1 57 ? 0.394   -6.555  -7.757  1.00 23.18 ? 55  ASP A C   1 
ATOM   448 O O   . ASP A 1 57 ? 1.407   -6.292  -7.085  1.00 21.73 ? 55  ASP A O   1 
ATOM   449 C CB  . ASP A 1 57 ? 1.313   -7.182  -10.071 1.00 28.19 ? 55  ASP A CB  1 
ATOM   450 C CG  . ASP A 1 57 ? 0.987   -8.653  -9.893  1.00 31.49 ? 55  ASP A CG  1 
ATOM   451 O OD1 . ASP A 1 57 ? 0.901   -9.201  -8.788  1.00 32.45 ? 55  ASP A OD1 1 
ATOM   452 O OD2 . ASP A 1 57 ? 0.779   -9.270  -10.959 1.00 34.72 ? 55  ASP A OD2 1 
ATOM   453 N N   . PRO A 1 58 ? -0.718  -7.076  -7.265  1.00 23.41 ? 56  PRO A N   1 
ATOM   454 C CA  . PRO A 1 58 ? -0.866  -7.391  -5.837  1.00 24.44 ? 56  PRO A CA  1 
ATOM   455 C C   . PRO A 1 58 ? 0.224   -8.342  -5.348  1.00 26.09 ? 56  PRO A C   1 
ATOM   456 O O   . PRO A 1 58 ? 0.785   -8.174  -4.250  1.00 26.83 ? 56  PRO A O   1 
ATOM   457 C CB  . PRO A 1 58 ? -2.282  -7.912  -5.682  1.00 23.12 ? 56  PRO A CB  1 
ATOM   458 C CG  . PRO A 1 58 ? -2.987  -7.571  -6.952  1.00 23.06 ? 56  PRO A CG  1 
ATOM   459 C CD  . PRO A 1 58 ? -1.929  -7.419  -8.024  1.00 22.87 ? 56  PRO A CD  1 
ATOM   460 N N   . VAL A 1 59 ? 0.528   -9.331  -6.162  1.00 27.03 ? 57  VAL A N   1 
ATOM   461 C CA  . VAL A 1 59 ? 1.555   -10.344 -5.879  1.00 27.72 ? 57  VAL A CA  1 
ATOM   462 C C   . VAL A 1 59 ? 2.855   -9.581  -5.695  1.00 28.51 ? 57  VAL A C   1 
ATOM   463 O O   . VAL A 1 59 ? 3.527   -9.768  -4.667  1.00 30.10 ? 57  VAL A O   1 
ATOM   464 C CB  . VAL A 1 59 ? 1.547   -11.439 -6.957  1.00 28.04 ? 57  VAL A CB  1 
ATOM   465 C CG1 . VAL A 1 59 ? 2.752   -12.365 -6.950  1.00 28.44 ? 57  VAL A CG1 1 
ATOM   466 C CG2 . VAL A 1 59 ? 0.270   -12.267 -6.885  1.00 27.90 ? 57  VAL A CG2 1 
ATOM   467 N N   . TRP A 1 60 ? 3.183   -8.733  -6.647  1.00 29.10 ? 58  TRP A N   1 
ATOM   468 C CA  . TRP A 1 60 ? 4.398   -7.913  -6.598  1.00 29.54 ? 58  TRP A CA  1 
ATOM   469 C C   . TRP A 1 60 ? 4.468   -7.101  -5.294  1.00 29.90 ? 58  TRP A C   1 
ATOM   470 O O   . TRP A 1 60 ? 5.538   -7.001  -4.652  1.00 30.70 ? 58  TRP A O   1 
ATOM   471 C CB  . TRP A 1 60 ? 4.522   -6.934  -7.779  1.00 29.67 ? 58  TRP A CB  1 
ATOM   472 C CG  . TRP A 1 60 ? 5.614   -5.950  -7.469  1.00 29.92 ? 58  TRP A CG  1 
ATOM   473 C CD1 . TRP A 1 60 ? 6.958   -6.154  -7.572  1.00 29.92 ? 58  TRP A CD1 1 
ATOM   474 C CD2 . TRP A 1 60 ? 5.447   -4.614  -6.964  1.00 30.11 ? 58  TRP A CD2 1 
ATOM   475 N NE1 . TRP A 1 60 ? 7.638   -5.030  -7.181  1.00 30.20 ? 58  TRP A NE1 1 
ATOM   476 C CE2 . TRP A 1 60 ? 6.741   -4.072  -6.800  1.00 30.29 ? 58  TRP A CE2 1 
ATOM   477 C CE3 . TRP A 1 60 ? 4.343   -3.835  -6.651  1.00 29.84 ? 58  TRP A CE3 1 
ATOM   478 C CZ2 . TRP A 1 60 ? 6.950   -2.781  -6.324  1.00 30.24 ? 58  TRP A CZ2 1 
ATOM   479 C CZ3 . TRP A 1 60 ? 4.557   -2.556  -6.177  1.00 29.74 ? 58  TRP A CZ3 1 
ATOM   480 C CH2 . TRP A 1 60 ? 5.830   -2.028  -6.012  1.00 29.73 ? 58  TRP A CH2 1 
ATOM   481 N N   . LEU A 1 61 ? 3.329   -6.521  -4.935  1.00 28.97 ? 59  LEU A N   1 
ATOM   482 C CA  . LEU A 1 61 ? 3.279   -5.702  -3.716  1.00 28.63 ? 59  LEU A CA  1 
ATOM   483 C C   . LEU A 1 61 ? 3.542   -6.516  -2.458  1.00 29.27 ? 59  LEU A C   1 
ATOM   484 O O   . LEU A 1 61 ? 4.301   -6.043  -1.594  1.00 29.64 ? 59  LEU A O   1 
ATOM   485 C CB  . LEU A 1 61 ? 1.953   -4.934  -3.696  1.00 27.91 ? 59  LEU A CB  1 
ATOM   486 C CG  . LEU A 1 61 ? 1.784   -3.837  -2.658  1.00 26.98 ? 59  LEU A CG  1 
ATOM   487 C CD1 . LEU A 1 61 ? 2.911   -2.806  -2.742  1.00 26.38 ? 59  LEU A CD1 1 
ATOM   488 C CD2 . LEU A 1 61 ? 0.430   -3.169  -2.887  1.00 25.98 ? 59  LEU A CD2 1 
ATOM   489 N N   . GLN A 1 62 ? 2.922   -7.675  -2.363  1.00 29.89 ? 60  GLN A N   1 
ATOM   490 C CA  . GLN A 1 62 ? 3.039   -8.548  -1.197  1.00 30.56 ? 60  GLN A CA  1 
ATOM   491 C C   . GLN A 1 62 ? 4.372   -9.248  -1.055  1.00 30.97 ? 60  GLN A C   1 
ATOM   492 O O   . GLN A 1 62 ? 4.915   -9.249  0.065   1.00 31.52 ? 60  GLN A O   1 
ATOM   493 C CB  . GLN A 1 62 ? 1.908   -9.566  -1.137  1.00 31.93 ? 60  GLN A CB  1 
ATOM   494 C CG  . GLN A 1 62 ? 1.936   -10.463 0.079   1.00 33.80 ? 60  GLN A CG  1 
ATOM   495 C CD  . GLN A 1 62 ? 1.302   -9.911  1.320   1.00 35.23 ? 60  GLN A CD  1 
ATOM   496 O OE1 . GLN A 1 62 ? 0.203   -9.371  1.339   1.00 36.21 ? 60  GLN A OE1 1 
ATOM   497 N NE2 . GLN A 1 62 ? 2.007   -10.048 2.445   1.00 36.11 ? 60  GLN A NE2 1 
ATOM   498 N N   . TYR A 1 63 ? 4.875   -9.799  -2.137  1.00 31.62 ? 61  TYR A N   1 
ATOM   499 C CA  . TYR A 1 63 ? 6.142   -10.542 -2.158  1.00 31.04 ? 61  TYR A CA  1 
ATOM   500 C C   . TYR A 1 63 ? 7.341   -9.870  -2.794  1.00 31.45 ? 61  TYR A C   1 
ATOM   501 O O   . TYR A 1 63 ? 8.475   -10.324 -2.547  1.00 31.99 ? 61  TYR A O   1 
ATOM   502 C CB  . TYR A 1 63 ? 5.864   -11.895 -2.866  1.00 29.67 ? 61  TYR A CB  1 
ATOM   503 C CG  . TYR A 1 63 ? 4.769   -12.651 -2.150  1.00 29.10 ? 61  TYR A CG  1 
ATOM   504 C CD1 . TYR A 1 63 ? 3.498   -12.807 -2.687  1.00 29.33 ? 61  TYR A CD1 1 
ATOM   505 C CD2 . TYR A 1 63 ? 5.018   -13.206 -0.901  1.00 29.37 ? 61  TYR A CD2 1 
ATOM   506 C CE1 . TYR A 1 63 ? 2.515   -13.506 -1.993  1.00 29.91 ? 61  TYR A CE1 1 
ATOM   507 C CE2 . TYR A 1 63 ? 4.055   -13.906 -0.187  1.00 29.30 ? 61  TYR A CE2 1 
ATOM   508 C CZ  . TYR A 1 63 ? 2.806   -14.055 -0.748  1.00 30.02 ? 61  TYR A CZ  1 
ATOM   509 O OH  . TYR A 1 63 ? 1.861   -14.750 -0.038  1.00 31.79 ? 61  TYR A OH  1 
ATOM   510 N N   . GLY A 1 64 ? 7.124   -8.863  -3.603  1.00 31.84 ? 62  GLY A N   1 
ATOM   511 C CA  . GLY A 1 64 ? 8.188   -8.128  -4.283  1.00 32.22 ? 62  GLY A CA  1 
ATOM   512 C C   . GLY A 1 64 ? 8.653   -8.718  -5.605  1.00 31.89 ? 62  GLY A C   1 
ATOM   513 O O   . GLY A 1 64 ? 9.758   -8.356  -6.083  1.00 34.48 ? 62  GLY A O   1 
ATOM   514 N N   . THR A 1 65 ? 7.876   -9.592  -6.223  1.00 28.56 ? 63  THR A N   1 
ATOM   515 C CA  . THR A 1 65 ? 8.290   -10.170 -7.507  1.00 24.57 ? 63  THR A CA  1 
ATOM   516 C C   . THR A 1 65 ? 7.374   -9.653  -8.622  1.00 19.64 ? 63  THR A C   1 
ATOM   517 O O   . THR A 1 65 ? 6.253   -10.262 -8.602  1.00 22.66 ? 63  THR A O   1 
ATOM   518 C CB  . THR A 1 65 ? 8.206   -11.743 -7.472  1.00 27.20 ? 63  THR A CB  1 
ATOM   519 O OG1 . THR A 1 65 ? 6.772   -11.989 -7.311  1.00 29.48 ? 63  THR A OG1 1 
ATOM   520 C CG2 . THR A 1 65 ? 9.089   -12.370 -6.392  1.00 27.64 ? 63  THR A CG2 1 
HETATM 521 O O   . HOH B 2 .  ? 4.727   8.188   -11.243 1.00 30.96 ? 100 HOH A O   1 
HETATM 522 O O   . HOH B 2 .  ? 6.614   9.726   -14.715 1.00 40.10 ? 101 HOH A O   1 
HETATM 523 O O   . HOH B 2 .  ? 3.983   -4.038  6.769   1.00 36.40 ? 102 HOH A O   1 
HETATM 524 O O   . HOH B 2 .  ? 6.910   2.185   -8.602  1.00 39.46 ? 103 HOH A O   1 
HETATM 525 O O   . HOH B 2 .  ? 6.713   9.821   3.939   1.00 37.58 ? 104 HOH A O   1 
HETATM 526 O O   . HOH B 2 .  ? -2.376  12.435  4.530   1.00 28.47 ? 105 HOH A O   1 
HETATM 527 O O   . HOH B 2 .  ? -9.033  9.138   4.316   1.00 52.85 ? 106 HOH A O   1 
HETATM 528 O O   . HOH B 2 .  ? -0.824  9.180   -9.434  1.00 89.85 ? 107 HOH A O   1 
HETATM 529 O O   . HOH B 2 .  ? -6.997  -8.275  -0.440  1.00 38.09 ? 108 HOH A O   1 
HETATM 530 O O   . HOH B 2 .  ? -12.581 -6.046  -4.303  1.00 28.64 ? 109 HOH A O   1 
HETATM 531 O O   . HOH B 2 .  ? -3.794  6.214   -9.245  1.00 49.64 ? 110 HOH A O   1 
HETATM 532 O O   . HOH B 2 .  ? -10.060 -0.219  6.278   1.00 37.61 ? 113 HOH A O   1 
HETATM 533 O O   . HOH B 2 .  ? -8.584  8.535   9.904   1.00 47.15 ? 115 HOH A O   1 
HETATM 534 O O   . HOH B 2 .  ? -12.121 -2.115  0.556   1.00 60.67 ? 117 HOH A O   1 
HETATM 535 O O   . HOH B 2 .  ? -2.228  -4.865  13.011  1.00 52.76 ? 118 HOH A O   1 
HETATM 536 O O   . HOH B 2 .  ? -13.367 2.855   4.368   1.00 35.83 ? 119 HOH A O   1 
HETATM 537 O O   . HOH B 2 .  ? -0.932  -7.317  8.389   1.00 99.41 ? 120 HOH A O   1 
# 
